data_3CC1
#
_entry.id   3CC1
#
_cell.length_a   146.943
_cell.length_b   146.943
_cell.length_c   213.526
_cell.angle_alpha   90.000
_cell.angle_beta   90.000
_cell.angle_gamma   120.000
#
_symmetry.space_group_name_H-M   'P 61 2 2'
#
loop_
_entity.id
_entity.type
_entity.pdbx_description
1 polymer 'Putative alpha-N-acetylgalactosaminidase'
2 non-polymer 'SULFATE ION'
3 non-polymer IMIDAZOLE
4 non-polymer 'TRIETHYLENE GLYCOL'
5 non-polymer 3,6,9,12,15,18-HEXAOXAICOSANE-1,20-DIOL
6 non-polymer GLYCEROL
7 non-polymer DI(HYDROXYETHYL)ETHER
8 non-polymer 'TETRAETHYLENE GLYCOL'
9 water water
#
_entity_poly.entity_id   1
_entity_poly.type   'polypeptide(L)'
_entity_poly.pdbx_seq_one_letter_code
;G(MSE)EVNRLSALTPP(MSE)GWNSWDCYGASVTEEEVLGNAEY(MSE)ANHLKKYGWEYIVVDIQWYEPTANSSAYNP
FAPLC(MSE)DEYGRLLPATNRFPSAKNGAGFKPLSDAIHDLGLKFGIHI(MSE)RGIPRQAVYENSPVLGSTKTAREIA
HTNSICPWNTD(MSE)YGVDPTKEGAQSYYNSLFELYAQWGVDFVKVDDIAASRLYDTHLEEIK(MSE)IQRAIQACGRP
(MSE)VLSLSPGPAPIKYAHHFKTNAN(MSE)WRITDDFWDDWSLLYQ(MSE)FERCEVWEKHIGTGHWPDCG(MSE)LP
LGHIGIRSVDGPGGDRWTRFTKDEQLT(MSE)(MSE)NLWAICHSPL(MSE)FGGELRDNDEWTLSLLTNEGILSINQKS
VLNRFVYREEDKVAWAANGRNGEAYVALFNLHDQQKTLQFRLD(MSE)VGI(MSE)ETVQLFNVWDRSFLQSLAPSESFQ
IELKPHQS(MSE)(MSE)LKLSPDR
;
_entity_poly.pdbx_strand_id   A,B
#
loop_
_chem_comp.id
_chem_comp.type
_chem_comp.name
_chem_comp.formula
GOL non-polymer GLYCEROL 'C3 H8 O3'
IMD non-polymer IMIDAZOLE 'C3 H5 N2 1'
P33 non-polymer 3,6,9,12,15,18-HEXAOXAICOSANE-1,20-DIOL 'C14 H30 O8'
PEG non-polymer DI(HYDROXYETHYL)ETHER 'C4 H10 O3'
PG4 non-polymer 'TETRAETHYLENE GLYCOL' 'C8 H18 O5'
PGE non-polymer 'TRIETHYLENE GLYCOL' 'C6 H14 O4'
SO4 non-polymer 'SULFATE ION' 'O4 S -2'
#
# COMPACT_ATOMS: atom_id res chain seq x y z
N GLY A 1 3.71 -21.75 -20.35
CA GLY A 1 4.97 -21.24 -19.75
C GLY A 1 5.77 -20.48 -20.80
N MSE A 2 6.94 -19.99 -20.39
N MSE A 2 6.97 -20.06 -20.44
CA MSE A 2 7.87 -19.24 -21.27
CA MSE A 2 7.78 -19.27 -21.34
C MSE A 2 9.12 -20.06 -21.43
C MSE A 2 9.14 -19.94 -21.48
O MSE A 2 9.89 -20.25 -20.48
O MSE A 2 9.97 -19.91 -20.57
CB MSE A 2 8.22 -17.88 -20.66
CB MSE A 2 7.87 -17.83 -20.82
CG MSE A 2 9.40 -17.12 -21.35
CG MSE A 2 7.96 -16.78 -21.93
SE MSE A 2 9.14 -16.79 -23.25
SE MSE A 2 9.72 -16.84 -22.66
CE MSE A 2 7.51 -15.73 -23.18
CE MSE A 2 10.67 -16.70 -20.99
N GLU A 3 9.33 -20.56 -22.64
CA GLU A 3 10.40 -21.54 -22.87
C GLU A 3 11.45 -21.17 -23.91
N VAL A 4 11.54 -19.88 -24.24
CA VAL A 4 12.54 -19.37 -25.18
C VAL A 4 13.46 -18.37 -24.51
N ASN A 5 14.67 -18.24 -25.02
CA ASN A 5 15.65 -17.30 -24.47
C ASN A 5 15.66 -15.98 -25.27
N ARG A 6 14.96 -15.99 -26.40
CA ARG A 6 14.85 -14.80 -27.24
C ARG A 6 13.42 -14.47 -27.57
N LEU A 7 13.14 -13.20 -27.40
CA LEU A 7 11.87 -12.61 -27.78
C LEU A 7 12.17 -11.39 -28.61
N SER A 8 11.56 -11.32 -29.77
CA SER A 8 11.89 -10.29 -30.75
C SER A 8 13.39 -10.09 -30.84
N ALA A 9 14.12 -11.19 -30.88
CA ALA A 9 15.56 -11.13 -31.14
C ALA A 9 16.41 -10.73 -29.93
N LEU A 10 15.78 -10.44 -28.80
CA LEU A 10 16.55 -10.05 -27.60
C LEU A 10 16.41 -11.07 -26.50
N THR A 11 17.40 -11.09 -25.62
CA THR A 11 17.44 -11.95 -24.48
C THR A 11 17.04 -11.15 -23.24
N PRO A 12 16.87 -11.83 -22.11
CA PRO A 12 16.36 -11.05 -20.93
C PRO A 12 17.35 -9.94 -20.57
N PRO A 13 16.84 -8.74 -20.28
CA PRO A 13 17.73 -7.64 -19.88
C PRO A 13 18.56 -7.98 -18.65
N MSE A 14 19.83 -7.59 -18.74
CA MSE A 14 20.77 -7.63 -17.64
C MSE A 14 21.33 -6.23 -17.40
O MSE A 14 21.80 -5.55 -18.33
CB MSE A 14 21.93 -8.58 -17.98
CG MSE A 14 21.52 -10.06 -18.12
SE MSE A 14 22.98 -11.16 -18.67
CE MSE A 14 24.29 -10.72 -17.28
N GLY A 15 21.26 -5.81 -16.14
CA GLY A 15 21.71 -4.49 -15.80
C GLY A 15 21.63 -4.18 -14.33
N TRP A 16 21.63 -2.88 -14.05
CA TRP A 16 21.60 -2.32 -12.71
C TRP A 16 20.44 -1.34 -12.68
N ASN A 17 19.73 -1.32 -11.56
CA ASN A 17 18.64 -0.39 -11.33
C ASN A 17 18.85 0.31 -9.97
N SER A 18 18.61 1.62 -9.94
CA SER A 18 18.92 2.50 -8.82
C SER A 18 18.02 2.33 -7.58
N TRP A 19 16.93 1.56 -7.70
CA TRP A 19 15.89 1.55 -6.67
C TRP A 19 16.30 0.95 -5.32
N ASP A 20 16.90 -0.24 -5.33
CA ASP A 20 17.16 -0.94 -4.04
C ASP A 20 18.23 -0.24 -3.18
N CYS A 21 19.11 0.52 -3.83
CA CYS A 21 20.18 1.26 -3.15
C CYS A 21 19.79 2.71 -2.85
N TYR A 22 19.15 3.38 -3.79
CA TYR A 22 18.92 4.83 -3.67
C TYR A 22 17.45 5.26 -3.77
N GLY A 23 16.57 4.29 -3.87
CA GLY A 23 15.16 4.57 -3.95
C GLY A 23 14.83 5.45 -5.11
N ALA A 24 14.06 6.51 -4.81
CA ALA A 24 13.60 7.48 -5.81
C ALA A 24 14.63 8.62 -6.05
N SER A 25 15.78 8.55 -5.37
CA SER A 25 16.63 9.73 -5.19
C SER A 25 18.03 9.65 -5.80
N VAL A 26 18.28 8.72 -6.72
CA VAL A 26 19.65 8.54 -7.26
C VAL A 26 20.16 9.83 -7.91
N THR A 27 21.46 10.05 -7.76
CA THR A 27 22.11 11.18 -8.42
C THR A 27 22.90 10.75 -9.62
N GLU A 28 23.25 11.72 -10.44
CA GLU A 28 23.99 11.48 -11.68
C GLU A 28 25.37 10.86 -11.40
N GLU A 29 26.03 11.31 -10.35
CA GLU A 29 27.32 10.75 -9.94
C GLU A 29 27.19 9.28 -9.53
N GLU A 30 26.09 8.94 -8.86
CA GLU A 30 25.82 7.57 -8.44
C GLU A 30 25.56 6.70 -9.66
N VAL A 31 24.76 7.20 -10.61
CA VAL A 31 24.51 6.46 -11.86
C VAL A 31 25.81 6.21 -12.65
N LEU A 32 26.63 7.24 -12.83
CA LEU A 32 27.90 7.10 -13.54
C LEU A 32 28.92 6.16 -12.84
N GLY A 33 28.97 6.23 -11.51
CA GLY A 33 29.83 5.32 -10.75
C GLY A 33 29.44 3.87 -10.98
N ASN A 34 28.15 3.56 -10.95
CA ASN A 34 27.71 2.20 -11.20
C ASN A 34 27.95 1.77 -12.65
N ALA A 35 27.76 2.71 -13.56
CA ALA A 35 27.96 2.51 -15.00
C ALA A 35 29.44 2.18 -15.26
N GLU A 36 30.31 2.93 -14.60
CA GLU A 36 31.76 2.71 -14.74
C GLU A 36 32.16 1.36 -14.20
N TYR A 37 31.58 0.97 -13.06
CA TYR A 37 31.89 -0.33 -12.50
C TYR A 37 31.44 -1.40 -13.47
N MSE A 38 30.23 -1.26 -13.97
CA MSE A 38 29.69 -2.26 -14.87
C MSE A 38 30.57 -2.40 -16.11
O MSE A 38 30.81 -3.50 -16.61
CB MSE A 38 28.28 -1.91 -15.29
CG MSE A 38 27.66 -2.96 -16.20
SE MSE A 38 25.79 -2.54 -16.64
CE MSE A 38 25.11 -2.81 -14.91
N ALA A 39 31.05 -1.27 -16.59
CA ALA A 39 31.84 -1.23 -17.80
C ALA A 39 33.15 -1.96 -17.53
N ASN A 40 33.67 -1.78 -16.33
CA ASN A 40 34.99 -2.31 -16.00
C ASN A 40 34.98 -3.79 -15.63
N HIS A 41 33.91 -4.27 -15.00
CA HIS A 41 33.93 -5.63 -14.44
C HIS A 41 32.87 -6.58 -15.01
N LEU A 42 31.81 -6.03 -15.60
CA LEU A 42 30.61 -6.82 -15.86
C LEU A 42 30.18 -6.87 -17.33
N LYS A 43 30.56 -5.86 -18.10
CA LYS A 43 30.06 -5.69 -19.45
C LYS A 43 30.37 -6.95 -20.28
N LYS A 44 31.53 -7.51 -20.05
CA LYS A 44 31.98 -8.63 -20.89
C LYS A 44 31.12 -9.89 -20.64
N TYR A 45 30.37 -9.90 -19.55
CA TYR A 45 29.54 -11.08 -19.19
C TYR A 45 28.07 -10.87 -19.62
N GLY A 46 27.76 -9.70 -20.16
CA GLY A 46 26.43 -9.44 -20.74
C GLY A 46 25.58 -8.39 -20.02
N TRP A 47 26.12 -7.86 -18.92
CA TRP A 47 25.49 -6.78 -18.18
C TRP A 47 25.59 -5.49 -18.97
N GLU A 48 24.45 -4.86 -19.22
CA GLU A 48 24.43 -3.77 -20.15
C GLU A 48 23.58 -2.54 -19.83
N TYR A 49 22.53 -2.71 -19.05
CA TYR A 49 21.59 -1.64 -18.82
C TYR A 49 21.89 -0.92 -17.50
N ILE A 50 21.81 0.40 -17.56
CA ILE A 50 21.94 1.29 -16.39
C ILE A 50 20.60 2.02 -16.30
N VAL A 51 19.82 1.72 -15.26
CA VAL A 51 18.40 2.12 -15.23
C VAL A 51 18.09 2.98 -14.02
N VAL A 52 17.51 4.14 -14.30
CA VAL A 52 17.12 5.08 -13.28
C VAL A 52 15.65 4.83 -13.00
N ASP A 53 15.35 4.49 -11.75
CA ASP A 53 13.97 4.21 -11.38
C ASP A 53 13.14 5.51 -11.23
N ILE A 54 11.91 5.33 -10.77
CA ILE A 54 10.92 6.36 -10.79
C ILE A 54 11.30 7.59 -9.94
N GLN A 55 10.65 8.68 -10.28
CA GLN A 55 10.68 9.94 -9.52
C GLN A 55 11.99 10.68 -9.73
N TRP A 56 12.60 10.41 -10.86
CA TRP A 56 13.76 11.14 -11.33
C TRP A 56 13.45 12.61 -11.65
N TYR A 57 12.14 12.97 -11.57
CA TYR A 57 11.59 14.28 -11.93
C TYR A 57 11.11 15.07 -10.71
N GLU A 58 11.37 14.52 -9.53
CA GLU A 58 10.78 15.01 -8.28
C GLU A 58 11.84 15.50 -7.29
N PRO A 59 12.25 16.78 -7.39
CA PRO A 59 13.22 17.26 -6.42
C PRO A 59 12.46 17.50 -5.14
N THR A 60 13.16 17.50 -4.04
CA THR A 60 12.47 17.75 -2.78
C THR A 60 12.53 19.24 -2.40
N ALA A 61 11.69 19.64 -1.44
CA ALA A 61 11.48 21.05 -1.08
C ALA A 61 12.72 21.75 -0.56
N ASN A 62 13.72 21.02 -0.12
CA ASN A 62 14.95 21.67 0.37
C ASN A 62 15.91 22.03 -0.77
N SER A 63 15.60 21.59 -1.97
CA SER A 63 16.46 21.82 -3.14
C SER A 63 16.20 23.17 -3.83
N SER A 64 17.23 23.79 -4.41
CA SER A 64 16.98 25.02 -5.16
C SER A 64 16.33 24.64 -6.51
N ALA A 65 16.30 23.35 -6.80
CA ALA A 65 15.54 22.84 -7.99
C ALA A 65 13.98 22.88 -7.78
N TYR A 66 13.54 23.32 -6.61
CA TYR A 66 12.12 23.20 -6.22
C TYR A 66 11.31 24.45 -6.37
N ASN A 67 10.27 24.32 -7.18
CA ASN A 67 9.27 25.38 -7.28
C ASN A 67 7.98 24.99 -6.56
N PRO A 68 7.65 25.67 -5.46
CA PRO A 68 6.51 25.21 -4.68
C PRO A 68 5.18 25.33 -5.44
N PHE A 69 5.18 26.13 -6.49
CA PHE A 69 3.94 26.34 -7.25
C PHE A 69 3.80 25.31 -8.36
N ALA A 70 4.86 24.57 -8.59
CA ALA A 70 4.91 23.53 -9.63
C ALA A 70 6.07 22.60 -9.30
N PRO A 71 5.87 21.69 -8.35
CA PRO A 71 7.02 21.04 -7.70
C PRO A 71 7.74 19.97 -8.52
N LEU A 72 7.05 19.31 -9.47
CA LEU A 72 7.73 18.36 -10.36
C LEU A 72 8.38 19.12 -11.53
N CYS A 73 9.55 18.66 -11.93
CA CYS A 73 10.25 19.26 -13.06
C CYS A 73 9.53 18.80 -14.31
N MSE A 74 9.08 19.75 -15.10
CA MSE A 74 8.18 19.43 -16.20
C MSE A 74 8.30 20.50 -17.27
O MSE A 74 8.41 21.67 -16.95
CB MSE A 74 6.74 19.42 -15.66
CG MSE A 74 5.72 18.66 -16.56
SE MSE A 74 3.92 18.80 -15.79
CE MSE A 74 3.47 20.63 -16.12
N ASP A 75 8.21 20.09 -18.54
CA ASP A 75 8.22 21.05 -19.63
C ASP A 75 6.85 21.62 -19.88
N GLU A 76 6.79 22.55 -20.83
CA GLU A 76 5.57 23.27 -21.10
C GLU A 76 4.49 22.43 -21.73
N TYR A 77 4.83 21.22 -22.16
CA TYR A 77 3.88 20.31 -22.84
C TYR A 77 3.51 19.15 -21.93
N GLY A 78 3.78 19.30 -20.65
CA GLY A 78 3.31 18.35 -19.66
C GLY A 78 4.18 17.10 -19.58
N ARG A 79 5.41 17.23 -20.07
CA ARG A 79 6.41 16.17 -20.00
C ARG A 79 7.42 16.32 -18.88
N LEU A 80 7.49 15.29 -18.03
CA LEU A 80 8.36 15.31 -16.88
C LEU A 80 9.86 15.29 -17.32
N LEU A 81 10.65 16.02 -16.54
CA LEU A 81 12.08 16.29 -16.81
C LEU A 81 12.91 15.94 -15.59
N PRO A 82 14.22 15.65 -15.81
CA PRO A 82 15.13 15.37 -14.69
C PRO A 82 15.28 16.47 -13.62
N ALA A 83 15.24 16.08 -12.36
CA ALA A 83 15.52 16.97 -11.24
C ALA A 83 16.96 17.44 -11.37
N THR A 84 17.14 18.72 -11.64
CA THR A 84 18.47 19.28 -11.92
C THR A 84 19.42 19.37 -10.72
N ASN A 85 18.92 19.26 -9.50
CA ASN A 85 19.80 19.14 -8.32
C ASN A 85 20.52 17.78 -8.34
N ARG A 86 19.78 16.75 -8.76
CA ARG A 86 20.31 15.38 -8.80
C ARG A 86 21.04 15.11 -10.12
N PHE A 87 20.55 15.75 -11.17
CA PHE A 87 21.10 15.54 -12.50
C PHE A 87 21.52 16.89 -13.10
N PRO A 88 22.63 17.44 -12.60
CA PRO A 88 23.01 18.78 -13.08
C PRO A 88 23.31 18.86 -14.58
N SER A 89 23.72 17.77 -15.20
CA SER A 89 23.98 17.79 -16.65
C SER A 89 22.68 17.97 -17.45
N ALA A 90 21.55 17.82 -16.77
CA ALA A 90 20.23 17.93 -17.40
C ALA A 90 19.82 19.39 -17.62
N LYS A 91 20.57 20.30 -17.04
CA LYS A 91 20.18 21.72 -17.04
C LYS A 91 20.19 22.32 -18.44
N ASN A 92 19.48 23.43 -18.58
CA ASN A 92 19.49 24.20 -19.81
C ASN A 92 19.03 23.40 -21.05
N GLY A 93 18.08 22.50 -20.82
CA GLY A 93 17.42 21.81 -21.91
C GLY A 93 18.04 20.51 -22.32
N ALA A 94 19.11 20.12 -21.67
CA ALA A 94 19.87 18.92 -22.06
C ALA A 94 19.14 17.60 -21.74
N GLY A 95 18.35 17.63 -20.68
CA GLY A 95 17.63 16.43 -20.24
C GLY A 95 18.63 15.33 -19.93
N PHE A 96 18.24 14.11 -20.25
CA PHE A 96 19.10 12.95 -19.98
C PHE A 96 20.12 12.70 -21.11
N LYS A 97 20.18 13.56 -22.10
CA LYS A 97 21.08 13.30 -23.26
C LYS A 97 22.55 13.19 -22.82
N PRO A 98 23.06 14.08 -21.96
CA PRO A 98 24.45 13.94 -21.58
C PRO A 98 24.75 12.65 -20.79
N LEU A 99 23.83 12.25 -19.96
CA LEU A 99 23.99 11.07 -19.12
C LEU A 99 23.97 9.82 -19.99
N SER A 100 23.05 9.73 -20.95
CA SER A 100 22.97 8.61 -21.83
C SER A 100 24.18 8.55 -22.73
N ASP A 101 24.68 9.71 -23.15
CA ASP A 101 25.90 9.80 -23.96
C ASP A 101 27.08 9.22 -23.18
N ALA A 102 27.21 9.58 -21.91
CA ALA A 102 28.29 9.06 -21.08
C ALA A 102 28.19 7.53 -20.94
N ILE A 103 26.96 7.05 -20.80
CA ILE A 103 26.70 5.62 -20.60
C ILE A 103 27.02 4.88 -21.91
N HIS A 104 26.59 5.44 -23.03
CA HIS A 104 26.85 4.86 -24.35
C HIS A 104 28.35 4.82 -24.65
N ASP A 105 29.06 5.83 -24.18
CA ASP A 105 30.51 5.91 -24.37
C ASP A 105 31.20 4.83 -23.59
N LEU A 106 30.56 4.30 -22.55
CA LEU A 106 31.09 3.12 -21.81
C LEU A 106 30.67 1.77 -22.46
N GLY A 107 29.95 1.85 -23.58
CA GLY A 107 29.42 0.68 -24.26
C GLY A 107 28.20 0.08 -23.57
N LEU A 108 27.49 0.90 -22.80
CA LEU A 108 26.35 0.42 -22.04
C LEU A 108 25.08 1.09 -22.57
N LYS A 109 23.94 0.70 -22.02
CA LYS A 109 22.63 1.19 -22.43
C LYS A 109 21.92 1.86 -21.26
N PHE A 110 21.07 2.84 -21.57
CA PHE A 110 20.44 3.71 -20.57
C PHE A 110 18.94 3.49 -20.53
N GLY A 111 18.43 3.29 -19.33
CA GLY A 111 17.03 3.04 -19.12
C GLY A 111 16.42 3.92 -18.04
N ILE A 112 15.11 4.11 -18.14
CA ILE A 112 14.32 4.82 -17.13
C ILE A 112 13.04 4.08 -16.83
N HIS A 113 12.50 4.35 -15.64
CA HIS A 113 11.10 3.99 -15.31
C HIS A 113 10.26 5.21 -15.35
N ILE A 114 9.09 5.06 -15.93
CA ILE A 114 8.09 6.10 -15.91
C ILE A 114 6.82 5.55 -15.25
N MSE A 115 5.97 6.46 -14.75
CA MSE A 115 4.64 6.16 -14.29
C MSE A 115 3.64 6.35 -15.42
O MSE A 115 3.75 7.26 -16.26
CB MSE A 115 4.25 7.12 -13.15
CG MSE A 115 5.18 7.04 -11.96
SE MSE A 115 4.92 5.43 -10.90
CE MSE A 115 3.00 5.62 -10.51
N ARG A 116 2.72 5.42 -15.51
CA ARG A 116 1.61 5.53 -16.42
C ARG A 116 0.91 6.86 -16.24
N GLY A 117 0.51 7.44 -17.37
CA GLY A 117 -0.37 8.61 -17.39
C GLY A 117 0.28 9.94 -17.70
N ILE A 118 -0.32 10.98 -17.16
CA ILE A 118 0.07 12.33 -17.41
C ILE A 118 0.10 13.05 -16.05
N PRO A 119 1.07 13.95 -15.84
CA PRO A 119 1.17 14.43 -14.47
C PRO A 119 -0.05 15.22 -14.04
N ARG A 120 -0.40 15.10 -12.77
CA ARG A 120 -1.51 15.88 -12.28
C ARG A 120 -1.21 17.37 -12.43
N GLN A 121 0.07 17.69 -12.32
CA GLN A 121 0.59 19.04 -12.44
C GLN A 121 0.31 19.62 -13.85
N ALA A 122 0.38 18.76 -14.87
CA ALA A 122 0.02 19.13 -16.23
C ALA A 122 -1.48 19.41 -16.32
N VAL A 123 -2.26 18.64 -15.60
CA VAL A 123 -3.72 18.80 -15.65
C VAL A 123 -4.06 20.13 -14.99
N TYR A 124 -3.44 20.39 -13.83
N TYR A 124 -3.44 20.40 -13.86
CA TYR A 124 -3.60 21.67 -13.11
CA TYR A 124 -3.73 21.64 -13.16
C TYR A 124 -3.29 22.85 -14.02
C TYR A 124 -3.23 22.89 -13.93
N GLU A 125 -2.16 22.74 -14.71
CA GLU A 125 -1.65 23.87 -15.49
C GLU A 125 -2.34 23.92 -16.84
N ASN A 126 -3.09 22.87 -17.13
CA ASN A 126 -3.71 22.68 -18.43
C ASN A 126 -2.71 22.76 -19.57
N SER A 127 -1.60 22.04 -19.41
CA SER A 127 -0.52 22.06 -20.38
C SER A 127 -0.99 21.60 -21.76
N PRO A 128 -0.58 22.35 -22.82
CA PRO A 128 -0.82 21.88 -24.19
C PRO A 128 -0.11 20.56 -24.51
N VAL A 129 -0.81 19.74 -25.26
CA VAL A 129 -0.27 18.50 -25.76
C VAL A 129 0.44 18.75 -27.09
N LEU A 130 1.72 18.45 -27.10
CA LEU A 130 2.57 18.71 -28.26
C LEU A 130 2.11 17.90 -29.47
N GLY A 131 1.92 18.56 -30.60
CA GLY A 131 1.52 17.86 -31.81
C GLY A 131 0.04 17.56 -31.83
N SER A 132 -0.68 18.25 -30.98
CA SER A 132 -2.10 18.03 -30.91
C SER A 132 -2.79 19.36 -30.99
N THR A 133 -4.11 19.35 -30.84
CA THR A 133 -4.85 20.57 -30.67
C THR A 133 -5.49 20.58 -29.29
N LYS A 134 -5.00 19.75 -28.39
CA LYS A 134 -5.69 19.57 -27.12
C LYS A 134 -4.76 19.89 -25.96
N THR A 135 -5.34 19.95 -24.78
CA THR A 135 -4.61 20.17 -23.55
C THR A 135 -4.75 19.00 -22.58
N ALA A 136 -3.96 19.06 -21.52
CA ALA A 136 -3.93 18.00 -20.53
C ALA A 136 -5.30 17.72 -19.97
N ARG A 137 -6.05 18.77 -19.70
CA ARG A 137 -7.38 18.58 -19.11
C ARG A 137 -8.32 17.87 -20.05
N GLU A 138 -8.05 17.97 -21.34
CA GLU A 138 -8.94 17.40 -22.34
C GLU A 138 -8.66 15.94 -22.62
N ILE A 139 -7.54 15.44 -22.11
CA ILE A 139 -7.13 14.07 -22.34
C ILE A 139 -6.99 13.25 -21.06
N ALA A 140 -6.97 13.89 -19.89
CA ALA A 140 -6.77 13.19 -18.63
C ALA A 140 -8.05 12.49 -18.20
N HIS A 141 -7.85 11.40 -17.50
CA HIS A 141 -8.92 10.64 -16.91
C HIS A 141 -8.70 10.77 -15.40
N THR A 142 -9.28 11.80 -14.79
CA THR A 142 -8.92 12.14 -13.42
C THR A 142 -9.45 11.15 -12.37
N ASN A 143 -10.34 10.26 -12.79
N ASN A 143 -10.34 10.27 -12.78
CA ASN A 143 -10.83 9.21 -11.90
CA ASN A 143 -10.81 9.22 -11.87
C ASN A 143 -9.93 7.98 -11.96
C ASN A 143 -9.85 8.03 -11.87
N SER A 144 -8.90 8.05 -12.81
CA SER A 144 -7.88 6.98 -12.90
C SER A 144 -6.64 7.46 -12.15
N ILE A 145 -6.44 6.96 -10.95
CA ILE A 145 -5.29 7.35 -10.17
C ILE A 145 -4.50 6.11 -9.77
N CYS A 146 -3.32 6.33 -9.24
CA CYS A 146 -2.48 5.26 -8.78
C CYS A 146 -2.56 5.30 -7.27
N PRO A 147 -2.91 4.17 -6.62
CA PRO A 147 -3.13 4.25 -5.19
C PRO A 147 -1.87 4.40 -4.38
N TRP A 148 -0.70 4.22 -4.96
CA TRP A 148 0.53 4.23 -4.17
C TRP A 148 1.45 5.42 -4.50
N ASN A 149 0.95 6.30 -5.36
N ASN A 149 0.98 6.27 -5.40
CA ASN A 149 1.70 7.45 -5.84
CA ASN A 149 1.72 7.44 -5.90
C ASN A 149 0.85 8.53 -6.51
C ASN A 149 0.74 8.49 -6.37
N THR A 150 0.95 9.75 -5.98
CA THR A 150 0.10 10.87 -6.41
C THR A 150 0.57 11.64 -7.68
N ASP A 151 1.59 11.14 -8.39
CA ASP A 151 2.23 11.96 -9.43
C ASP A 151 1.32 12.20 -10.65
N MSE A 152 0.56 11.20 -11.02
CA MSE A 152 -0.13 11.18 -12.32
C MSE A 152 -1.66 11.00 -12.23
O MSE A 152 -2.21 10.56 -11.22
CB MSE A 152 0.40 10.05 -13.21
CG MSE A 152 1.90 9.70 -13.13
SE MSE A 152 3.02 11.14 -13.74
CE MSE A 152 3.17 10.70 -15.64
N TYR A 153 -2.31 11.35 -13.33
CA TYR A 153 -3.65 10.84 -13.66
C TYR A 153 -3.46 9.95 -14.89
N GLY A 154 -4.37 9.00 -15.04
CA GLY A 154 -4.51 8.28 -16.27
C GLY A 154 -4.79 9.17 -17.47
N VAL A 155 -4.33 8.71 -18.61
CA VAL A 155 -4.68 9.27 -19.89
C VAL A 155 -5.86 8.46 -20.43
N ASP A 156 -6.89 9.17 -20.85
CA ASP A 156 -8.11 8.57 -21.37
C ASP A 156 -7.97 8.20 -22.86
N PRO A 157 -7.88 6.90 -23.15
CA PRO A 157 -7.60 6.47 -24.50
C PRO A 157 -8.75 6.73 -25.46
N THR A 158 -9.88 7.21 -24.95
CA THR A 158 -11.03 7.48 -25.82
C THR A 158 -10.96 8.90 -26.35
N LYS A 159 -9.96 9.67 -25.92
CA LYS A 159 -9.90 11.09 -26.22
C LYS A 159 -8.93 11.44 -27.31
N GLU A 160 -9.38 12.37 -28.15
CA GLU A 160 -8.50 12.97 -29.12
C GLU A 160 -7.39 13.68 -28.40
N GLY A 161 -6.17 13.38 -28.83
CA GLY A 161 -4.95 13.97 -28.25
C GLY A 161 -4.21 13.09 -27.28
N ALA A 162 -4.83 11.97 -26.89
CA ALA A 162 -4.22 11.05 -25.93
C ALA A 162 -2.99 10.36 -26.52
N GLN A 163 -3.12 9.88 -27.76
CA GLN A 163 -2.03 9.19 -28.43
C GLN A 163 -0.90 10.19 -28.67
N SER A 164 -1.27 11.43 -28.94
CA SER A 164 -0.28 12.49 -29.21
C SER A 164 0.58 12.74 -27.99
N TYR A 165 -0.06 12.74 -26.83
CA TYR A 165 0.68 12.87 -25.58
C TYR A 165 1.73 11.80 -25.41
N TYR A 166 1.33 10.54 -25.57
CA TYR A 166 2.27 9.44 -25.43
C TYR A 166 3.34 9.50 -26.50
N ASN A 167 2.97 9.87 -27.71
CA ASN A 167 3.92 10.03 -28.80
C ASN A 167 5.00 11.01 -28.41
N SER A 168 4.56 12.12 -27.80
CA SER A 168 5.45 13.21 -27.38
C SER A 168 6.43 12.77 -26.29
N LEU A 169 6.03 11.82 -25.44
CA LEU A 169 6.95 11.37 -24.36
C LEU A 169 8.07 10.55 -24.96
N PHE A 170 7.70 9.64 -25.84
CA PHE A 170 8.68 8.74 -26.46
C PHE A 170 9.59 9.46 -27.46
N GLU A 171 9.10 10.53 -28.07
CA GLU A 171 9.97 11.44 -28.82
C GLU A 171 11.00 12.08 -27.92
N LEU A 172 10.57 12.56 -26.76
CA LEU A 172 11.49 13.14 -25.79
C LEU A 172 12.56 12.13 -25.34
N TYR A 173 12.13 10.92 -25.03
CA TYR A 173 13.02 9.89 -24.55
C TYR A 173 14.00 9.50 -25.67
N ALA A 174 13.52 9.46 -26.92
CA ALA A 174 14.40 9.18 -28.06
C ALA A 174 15.45 10.27 -28.20
N GLN A 175 15.00 11.51 -28.01
N GLN A 175 15.04 11.53 -28.00
CA GLN A 175 15.85 12.68 -28.03
CA GLN A 175 15.95 12.66 -28.12
C GLN A 175 16.96 12.50 -27.02
C GLN A 175 16.96 12.64 -26.96
N TRP A 176 16.58 12.05 -25.83
CA TRP A 176 17.53 11.85 -24.73
C TRP A 176 18.44 10.62 -24.89
N GLY A 177 18.24 9.85 -25.95
CA GLY A 177 19.04 8.65 -26.16
C GLY A 177 18.73 7.47 -25.24
N VAL A 178 17.48 7.42 -24.76
CA VAL A 178 17.00 6.35 -23.91
C VAL A 178 16.89 5.05 -24.73
N ASP A 179 17.29 3.91 -24.11
CA ASP A 179 17.27 2.59 -24.79
C ASP A 179 16.25 1.62 -24.24
N PHE A 180 15.76 1.93 -23.05
CA PHE A 180 14.86 1.06 -22.29
C PHE A 180 13.91 1.93 -21.44
N VAL A 181 12.63 1.62 -21.54
CA VAL A 181 11.58 2.27 -20.71
C VAL A 181 10.71 1.18 -20.04
N LYS A 182 10.66 1.20 -18.70
CA LYS A 182 9.72 0.37 -17.95
C LYS A 182 8.58 1.24 -17.45
N VAL A 183 7.35 0.83 -17.73
CA VAL A 183 6.17 1.59 -17.27
C VAL A 183 5.65 0.91 -15.99
N ASP A 184 5.63 1.70 -14.91
CA ASP A 184 5.02 1.29 -13.65
C ASP A 184 3.56 1.79 -13.54
N ASP A 185 2.80 1.17 -12.64
CA ASP A 185 1.35 1.43 -12.49
C ASP A 185 0.57 1.11 -13.76
N ILE A 186 1.02 0.08 -14.45
CA ILE A 186 0.45 -0.29 -15.73
C ILE A 186 -0.31 -1.60 -15.60
N ALA A 187 0.00 -2.39 -14.57
CA ALA A 187 -0.90 -3.46 -14.18
C ALA A 187 -2.09 -2.84 -13.38
N ALA A 188 -3.14 -3.61 -13.15
CA ALA A 188 -4.25 -3.18 -12.29
C ALA A 188 -3.76 -3.15 -10.83
N SER A 189 -3.82 -1.98 -10.20
CA SER A 189 -3.33 -1.83 -8.80
C SER A 189 -4.19 -2.63 -7.81
N ARG A 190 -5.45 -2.86 -8.22
CA ARG A 190 -6.47 -3.49 -7.38
C ARG A 190 -7.14 -4.60 -8.19
N LEU A 191 -6.37 -5.13 -9.14
CA LEU A 191 -6.71 -6.32 -9.95
C LEU A 191 -7.75 -6.01 -11.06
N TYR A 192 -8.80 -5.26 -10.73
CA TYR A 192 -9.90 -4.97 -11.67
C TYR A 192 -9.58 -3.75 -12.56
N ASP A 193 -8.82 -2.81 -12.02
CA ASP A 193 -8.54 -1.54 -12.69
C ASP A 193 -7.41 -1.67 -13.74
N THR A 194 -7.68 -2.42 -14.81
CA THR A 194 -6.68 -2.67 -15.87
C THR A 194 -6.60 -1.50 -16.87
N HIS A 195 -5.55 -1.54 -17.69
CA HIS A 195 -5.21 -0.39 -18.53
C HIS A 195 -4.82 -0.81 -19.94
N LEU A 196 -5.61 -1.71 -20.53
CA LEU A 196 -5.23 -2.35 -21.81
C LEU A 196 -5.16 -1.37 -22.98
N GLU A 197 -6.11 -0.47 -23.06
CA GLU A 197 -6.11 0.51 -24.16
C GLU A 197 -5.01 1.56 -24.02
N GLU A 198 -4.68 1.91 -22.79
CA GLU A 198 -3.60 2.85 -22.51
C GLU A 198 -2.27 2.17 -22.87
N ILE A 199 -2.16 0.87 -22.59
CA ILE A 199 -0.97 0.08 -23.03
C ILE A 199 -0.79 0.11 -24.53
N LYS A 200 -1.87 -0.06 -25.27
CA LYS A 200 -1.77 -0.07 -26.73
C LYS A 200 -1.21 1.27 -27.24
N MSE A 201 -1.60 2.38 -26.61
CA MSE A 201 -1.08 3.70 -27.01
C MSE A 201 0.42 3.81 -26.75
O MSE A 201 1.15 4.36 -27.56
CB MSE A 201 -1.78 4.83 -26.28
CG MSE A 201 -3.20 5.04 -26.76
SE MSE A 201 -4.04 6.65 -26.08
CE MSE A 201 -3.74 6.44 -24.18
N ILE A 202 0.86 3.32 -25.57
CA ILE A 202 2.27 3.37 -25.19
C ILE A 202 3.04 2.59 -26.25
N GLN A 203 2.49 1.47 -26.64
CA GLN A 203 3.17 0.57 -27.58
C GLN A 203 3.33 1.22 -28.94
N ARG A 204 2.28 1.88 -29.39
CA ARG A 204 2.30 2.61 -30.64
C ARG A 204 3.27 3.78 -30.62
N ALA A 205 3.34 4.45 -29.46
CA ALA A 205 4.21 5.61 -29.27
C ALA A 205 5.67 5.22 -29.32
N ILE A 206 6.03 4.18 -28.59
CA ILE A 206 7.43 3.75 -28.60
C ILE A 206 7.82 3.28 -30.01
N GLN A 207 6.86 2.66 -30.69
CA GLN A 207 7.12 2.16 -32.04
C GLN A 207 7.29 3.29 -33.04
N ALA A 208 6.68 4.44 -32.78
CA ALA A 208 6.74 5.55 -33.71
C ALA A 208 7.86 6.56 -33.39
N CYS A 209 8.62 6.34 -32.33
CA CYS A 209 9.49 7.43 -31.83
C CYS A 209 10.82 7.55 -32.58
N GLY A 210 11.07 6.64 -33.48
CA GLY A 210 12.24 6.74 -34.32
C GLY A 210 13.57 6.31 -33.73
N ARG A 211 13.54 5.69 -32.56
CA ARG A 211 14.76 5.16 -31.95
C ARG A 211 14.52 3.77 -31.39
N PRO A 212 15.38 2.80 -31.71
CA PRO A 212 15.19 1.48 -31.11
C PRO A 212 15.22 1.57 -29.61
N MSE A 213 14.22 0.94 -29.00
CA MSE A 213 13.95 1.14 -27.59
C MSE A 213 13.11 -0.02 -27.03
O MSE A 213 12.07 -0.37 -27.57
CB MSE A 213 13.23 2.49 -27.41
CG MSE A 213 13.41 3.11 -26.03
SE MSE A 213 12.40 4.72 -25.70
CE MSE A 213 13.32 5.84 -26.96
N VAL A 214 13.57 -0.59 -25.92
CA VAL A 214 12.88 -1.70 -25.30
C VAL A 214 11.78 -1.18 -24.37
N LEU A 215 10.61 -1.78 -24.47
CA LEU A 215 9.50 -1.46 -23.60
C LEU A 215 9.27 -2.62 -22.65
N SER A 216 9.23 -2.29 -21.37
CA SER A 216 8.93 -3.26 -20.37
C SER A 216 7.70 -2.81 -19.61
N LEU A 217 6.74 -3.71 -19.49
CA LEU A 217 5.49 -3.38 -18.81
C LEU A 217 5.45 -4.06 -17.43
N SER A 218 4.39 -4.81 -17.15
CA SER A 218 4.30 -5.45 -15.81
C SER A 218 3.73 -6.86 -15.89
N PRO A 219 4.53 -7.81 -16.41
CA PRO A 219 3.99 -9.13 -16.73
C PRO A 219 3.86 -10.01 -15.51
N GLY A 220 4.40 -9.56 -14.40
CA GLY A 220 4.51 -10.42 -13.21
C GLY A 220 5.63 -11.45 -13.37
N PRO A 221 5.81 -12.33 -12.38
CA PRO A 221 5.03 -12.53 -11.16
C PRO A 221 5.34 -11.59 -9.97
N ALA A 222 6.39 -10.77 -10.07
CA ALA A 222 6.64 -9.70 -9.14
C ALA A 222 6.09 -8.42 -9.74
N PRO A 223 5.51 -7.55 -8.91
CA PRO A 223 5.29 -7.64 -7.47
C PRO A 223 4.15 -8.56 -7.13
N ILE A 224 4.25 -9.13 -5.94
CA ILE A 224 3.21 -10.05 -5.44
C ILE A 224 2.03 -9.22 -4.95
N LYS A 225 0.84 -9.56 -5.41
CA LYS A 225 -0.34 -8.80 -5.05
C LYS A 225 -1.23 -9.64 -4.17
N TYR A 226 -1.63 -9.07 -3.04
CA TYR A 226 -2.48 -9.77 -2.10
C TYR A 226 -1.86 -11.10 -1.65
N ALA A 227 -0.62 -11.05 -1.17
CA ALA A 227 0.14 -12.24 -0.73
C ALA A 227 -0.69 -13.08 0.22
N HIS A 228 -0.57 -14.40 0.03
CA HIS A 228 -1.40 -15.39 0.74
C HIS A 228 -0.70 -15.77 2.08
N HIS A 229 0.64 -15.71 2.10
CA HIS A 229 1.42 -16.16 3.27
C HIS A 229 1.95 -14.96 4.04
N PHE A 230 2.28 -15.20 5.30
CA PHE A 230 3.21 -14.36 6.03
C PHE A 230 2.51 -13.05 6.35
N LYS A 231 1.20 -13.15 6.42
CA LYS A 231 0.29 -12.03 6.64
C LYS A 231 0.26 -11.61 8.12
N THR A 232 0.43 -10.32 8.37
CA THR A 232 0.10 -9.68 9.68
C THR A 232 -0.90 -8.52 9.47
N ASN A 233 -1.59 -8.07 10.52
CA ASN A 233 -2.57 -6.97 10.33
C ASN A 233 -1.88 -5.71 9.76
N ALA A 234 -0.68 -5.42 10.22
CA ALA A 234 0.05 -4.23 9.76
C ALA A 234 0.49 -4.40 8.29
N ASN A 235 1.00 -5.58 7.95
CA ASN A 235 1.62 -5.71 6.62
C ASN A 235 0.59 -5.87 5.52
N MSE A 236 -0.62 -6.27 5.90
CA MSE A 236 -1.72 -6.43 4.92
C MSE A 236 -2.18 -5.12 4.32
O MSE A 236 -2.84 -5.09 3.24
CB MSE A 236 -2.89 -7.19 5.53
CG MSE A 236 -2.73 -8.72 5.39
SE MSE A 236 -4.14 -9.54 6.37
CE MSE A 236 -5.51 -9.04 5.03
N TRP A 237 -1.79 -4.02 4.94
CA TRP A 237 -2.08 -2.70 4.35
C TRP A 237 -1.28 -2.45 3.09
N ARG A 238 -0.18 -3.17 2.96
CA ARG A 238 0.58 -3.16 1.73
C ARG A 238 0.06 -4.32 0.85
N ILE A 239 -0.72 -3.95 -0.16
CA ILE A 239 -1.33 -4.95 -1.10
C ILE A 239 -0.26 -5.46 -2.06
N THR A 240 0.68 -4.58 -2.44
CA THR A 240 1.71 -4.86 -3.44
C THR A 240 3.08 -4.96 -2.81
N ASP A 241 3.62 -6.18 -2.83
CA ASP A 241 4.94 -6.50 -2.28
C ASP A 241 5.98 -6.61 -3.40
N ASP A 242 6.80 -5.58 -3.49
CA ASP A 242 7.99 -5.64 -4.29
C ASP A 242 9.00 -6.59 -3.64
N PHE A 243 9.78 -7.21 -4.52
CA PHE A 243 10.80 -8.12 -4.10
C PHE A 243 11.91 -7.39 -3.41
N TRP A 244 12.27 -7.96 -2.25
CA TRP A 244 13.36 -7.50 -1.40
C TRP A 244 14.08 -8.67 -0.72
N ASP A 245 15.13 -8.33 0.02
CA ASP A 245 15.96 -9.29 0.81
C ASP A 245 15.25 -9.78 2.08
N ASP A 246 14.14 -10.48 1.87
N ASP A 246 14.17 -10.53 1.86
CA ASP A 246 13.47 -11.18 2.96
CA ASP A 246 13.37 -11.14 2.92
C ASP A 246 13.04 -12.53 2.48
C ASP A 246 13.01 -12.53 2.48
N TRP A 247 13.34 -13.54 3.28
CA TRP A 247 13.06 -14.92 2.89
C TRP A 247 11.59 -15.14 2.57
N SER A 248 10.70 -14.47 3.29
CA SER A 248 9.29 -14.71 3.06
C SER A 248 8.88 -14.35 1.63
N LEU A 249 9.49 -13.31 1.08
CA LEU A 249 9.23 -12.95 -0.32
C LEU A 249 9.87 -13.93 -1.32
N LEU A 250 11.08 -14.37 -1.02
CA LEU A 250 11.75 -15.35 -1.92
C LEU A 250 10.97 -16.67 -1.92
N TYR A 251 10.64 -17.14 -0.73
CA TYR A 251 9.82 -18.33 -0.59
C TYR A 251 8.56 -18.22 -1.45
N GLN A 252 7.84 -17.11 -1.32
CA GLN A 252 6.57 -16.96 -2.05
C GLN A 252 6.74 -16.88 -3.54
N MSE A 253 7.89 -16.37 -3.98
CA MSE A 253 8.19 -16.24 -5.42
C MSE A 253 8.13 -17.59 -6.11
O MSE A 253 7.73 -17.67 -7.26
CB MSE A 253 9.52 -15.50 -5.68
CG MSE A 253 9.61 -14.86 -7.11
SE MSE A 253 8.20 -13.60 -7.49
CE MSE A 253 8.40 -12.55 -5.97
N PHE A 254 8.51 -18.66 -5.41
CA PHE A 254 8.53 -20.00 -6.00
C PHE A 254 7.14 -20.40 -6.42
N GLU A 255 6.15 -20.21 -5.54
CA GLU A 255 4.76 -20.51 -5.89
C GLU A 255 4.22 -19.57 -6.98
N ARG A 256 4.58 -18.29 -6.89
CA ARG A 256 4.09 -17.28 -7.84
C ARG A 256 4.64 -17.59 -9.24
N CYS A 257 5.89 -18.04 -9.31
CA CYS A 257 6.45 -18.53 -10.56
C CYS A 257 5.74 -19.74 -11.16
N GLU A 258 5.44 -20.72 -10.31
CA GLU A 258 4.70 -21.89 -10.77
C GLU A 258 3.38 -21.46 -11.35
N VAL A 259 2.67 -20.58 -10.65
CA VAL A 259 1.37 -20.10 -11.12
C VAL A 259 1.49 -19.32 -12.47
N TRP A 260 2.50 -18.48 -12.56
CA TRP A 260 2.75 -17.68 -13.73
C TRP A 260 2.96 -18.55 -14.98
N GLU A 261 3.70 -19.64 -14.80
CA GLU A 261 4.05 -20.51 -15.91
C GLU A 261 2.83 -21.28 -16.45
N LYS A 262 1.79 -21.40 -15.63
CA LYS A 262 0.57 -22.15 -15.99
C LYS A 262 -0.45 -21.26 -16.68
N HIS A 263 -0.18 -19.96 -16.69
CA HIS A 263 -1.01 -19.01 -17.44
C HIS A 263 -0.67 -19.01 -18.92
N ILE A 264 -1.63 -18.57 -19.71
CA ILE A 264 -1.44 -18.46 -21.16
C ILE A 264 -0.36 -17.42 -21.45
N GLY A 265 -0.42 -16.32 -20.73
CA GLY A 265 0.57 -15.28 -20.81
C GLY A 265 0.44 -14.40 -22.04
N THR A 266 1.34 -13.43 -22.13
CA THR A 266 1.35 -12.44 -23.22
C THR A 266 2.65 -12.54 -24.02
N GLY A 267 3.52 -13.46 -23.67
CA GLY A 267 4.78 -13.63 -24.40
C GLY A 267 5.85 -12.66 -23.95
N HIS A 268 5.93 -12.47 -22.64
CA HIS A 268 7.00 -11.67 -22.04
C HIS A 268 7.74 -12.49 -21.02
N TRP A 269 8.92 -12.05 -20.67
CA TRP A 269 9.70 -12.76 -19.64
C TRP A 269 8.96 -12.58 -18.34
N PRO A 270 9.10 -13.54 -17.42
CA PRO A 270 8.65 -13.31 -16.06
C PRO A 270 9.64 -12.44 -15.29
N ASP A 271 9.13 -11.37 -14.74
CA ASP A 271 9.92 -10.52 -13.88
C ASP A 271 9.76 -10.93 -12.43
N CYS A 272 10.84 -11.48 -11.85
CA CYS A 272 10.81 -12.00 -10.48
C CYS A 272 11.22 -10.95 -9.47
N GLY A 273 11.74 -9.84 -9.97
CA GLY A 273 12.15 -8.75 -9.13
C GLY A 273 13.62 -8.38 -9.26
N MSE A 274 13.92 -7.18 -8.82
CA MSE A 274 15.31 -6.72 -8.83
C MSE A 274 16.10 -7.52 -7.79
O MSE A 274 15.52 -8.07 -6.84
CB MSE A 274 15.34 -5.21 -8.64
CG MSE A 274 14.78 -4.42 -9.89
SE MSE A 274 14.49 -2.65 -9.35
CE MSE A 274 13.51 -2.69 -7.68
N LEU A 275 17.40 -7.68 -8.04
CA LEU A 275 18.27 -8.47 -7.15
C LEU A 275 18.78 -7.66 -5.94
N PRO A 276 18.24 -7.94 -4.72
CA PRO A 276 18.70 -7.21 -3.55
C PRO A 276 19.95 -7.87 -3.00
N LEU A 277 21.05 -7.53 -3.64
CA LEU A 277 22.35 -8.06 -3.34
C LEU A 277 23.33 -6.96 -2.97
N GLY A 278 24.36 -7.33 -2.23
CA GLY A 278 25.40 -6.39 -1.85
C GLY A 278 24.85 -5.28 -0.98
N HIS A 279 25.35 -4.07 -1.22
CA HIS A 279 25.04 -2.88 -0.42
C HIS A 279 23.78 -2.16 -0.95
N ILE A 280 22.74 -2.23 -0.13
CA ILE A 280 21.41 -1.76 -0.47
C ILE A 280 20.87 -0.92 0.68
N GLY A 281 19.76 -0.24 0.44
CA GLY A 281 19.05 0.50 1.45
C GLY A 281 19.73 1.79 1.89
N ILE A 282 20.58 2.34 1.03
CA ILE A 282 21.39 3.53 1.38
C ILE A 282 20.48 4.74 1.59
N ARG A 283 19.56 4.96 0.65
CA ARG A 283 18.50 5.94 0.82
C ARG A 283 17.25 5.25 0.30
N SER A 284 16.50 4.64 1.22
CA SER A 284 15.44 3.67 0.91
C SER A 284 14.46 3.57 2.08
N VAL A 285 13.18 3.62 1.76
CA VAL A 285 12.14 3.60 2.79
C VAL A 285 11.09 2.46 2.62
N ASP A 286 11.22 1.64 1.59
CA ASP A 286 10.24 0.59 1.30
C ASP A 286 10.74 -0.80 1.58
N GLY A 287 11.99 -0.91 2.02
CA GLY A 287 12.60 -2.25 2.22
C GLY A 287 12.66 -2.71 3.68
N PRO A 288 13.11 -3.96 3.90
CA PRO A 288 13.06 -4.57 5.20
C PRO A 288 14.26 -4.23 6.11
N GLY A 289 14.76 -3.01 6.02
CA GLY A 289 15.85 -2.58 6.87
C GLY A 289 16.35 -1.22 6.42
N GLY A 290 17.47 -0.81 7.00
CA GLY A 290 18.11 0.43 6.61
C GLY A 290 19.36 0.19 5.76
N ASP A 291 20.28 1.12 5.85
CA ASP A 291 21.54 1.03 5.13
C ASP A 291 22.24 -0.25 5.54
N ARG A 292 22.45 -1.16 4.59
CA ARG A 292 22.81 -2.54 4.92
C ARG A 292 23.45 -3.30 3.80
N TRP A 293 24.10 -4.39 4.21
CA TRP A 293 24.39 -5.51 3.35
C TRP A 293 23.12 -6.36 3.26
N THR A 294 22.92 -6.98 2.11
CA THR A 294 21.76 -7.83 1.90
C THR A 294 21.52 -8.77 3.06
N ARG A 295 20.25 -8.91 3.44
CA ARG A 295 19.89 -9.77 4.55
C ARG A 295 19.87 -11.23 4.12
N PHE A 296 19.95 -11.50 2.83
CA PHE A 296 19.92 -12.89 2.33
C PHE A 296 21.24 -13.56 2.71
N THR A 297 21.14 -14.80 3.21
CA THR A 297 22.33 -15.58 3.46
C THR A 297 22.89 -15.94 2.10
N LYS A 298 24.12 -16.44 2.09
CA LYS A 298 24.72 -16.88 0.83
C LYS A 298 23.90 -17.97 0.15
N ASP A 299 23.40 -18.91 0.93
CA ASP A 299 22.56 -19.96 0.38
C ASP A 299 21.30 -19.36 -0.32
N GLU A 300 20.70 -18.40 0.36
CA GLU A 300 19.52 -17.73 -0.18
C GLU A 300 19.79 -16.95 -1.43
N GLN A 301 20.93 -16.27 -1.48
CA GLN A 301 21.34 -15.49 -2.65
C GLN A 301 21.47 -16.43 -3.88
N LEU A 302 22.13 -17.57 -3.71
CA LEU A 302 22.25 -18.57 -4.80
C LEU A 302 20.91 -19.17 -5.18
N THR A 303 20.05 -19.37 -4.18
CA THR A 303 18.69 -19.86 -4.41
C THR A 303 17.90 -18.90 -5.30
N MSE A 304 18.00 -17.62 -5.01
CA MSE A 304 17.37 -16.62 -5.81
C MSE A 304 17.94 -16.60 -7.23
O MSE A 304 17.20 -16.60 -8.19
CB MSE A 304 17.52 -15.22 -5.16
CG MSE A 304 16.98 -14.11 -6.09
SE MSE A 304 17.64 -12.41 -5.48
CE MSE A 304 19.49 -12.71 -5.94
N MSE A 305 19.27 -16.60 -7.35
CA MSE A 305 19.90 -16.57 -8.64
C MSE A 305 19.48 -17.79 -9.48
O MSE A 305 19.24 -17.67 -10.69
CB MSE A 305 21.42 -16.52 -8.54
CG MSE A 305 21.99 -15.23 -7.97
SE MSE A 305 21.62 -13.69 -9.11
CE MSE A 305 22.68 -14.17 -10.66
N ASN A 306 19.32 -18.92 -8.83
CA ASN A 306 19.01 -20.18 -9.53
C ASN A 306 17.62 -20.12 -10.17
N LEU A 307 16.65 -19.64 -9.43
CA LEU A 307 15.27 -19.56 -9.91
C LEU A 307 15.13 -18.50 -11.01
N TRP A 308 15.74 -17.34 -10.78
CA TRP A 308 15.75 -16.23 -11.73
C TRP A 308 16.42 -16.67 -13.02
N ALA A 309 17.52 -17.40 -12.91
CA ALA A 309 18.22 -17.92 -14.11
C ALA A 309 17.36 -18.90 -14.90
N ILE A 310 16.81 -19.89 -14.22
CA ILE A 310 16.13 -21.01 -14.87
C ILE A 310 14.79 -20.58 -15.47
N CYS A 311 14.21 -19.49 -14.98
CA CYS A 311 12.94 -19.05 -15.59
C CYS A 311 13.05 -17.84 -16.58
N HIS A 312 14.29 -17.41 -16.85
CA HIS A 312 14.55 -16.29 -17.80
C HIS A 312 14.05 -14.93 -17.26
N SER A 313 14.16 -14.70 -15.96
CA SER A 313 13.84 -13.40 -15.44
C SER A 313 14.91 -12.38 -15.88
N PRO A 314 14.51 -11.13 -16.17
CA PRO A 314 15.53 -10.10 -16.21
C PRO A 314 16.37 -10.14 -14.96
N LEU A 315 17.64 -9.78 -15.10
CA LEU A 315 18.59 -9.74 -14.02
C LEU A 315 18.98 -8.28 -13.82
N MSE A 316 18.33 -7.62 -12.85
CA MSE A 316 18.64 -6.24 -12.52
C MSE A 316 19.25 -6.12 -11.12
O MSE A 316 18.52 -6.18 -10.14
CB MSE A 316 17.39 -5.37 -12.60
CG MSE A 316 16.89 -5.21 -14.00
SE MSE A 316 17.99 -3.98 -15.10
CE MSE A 316 17.81 -5.12 -16.40
N PHE A 317 20.52 -5.89 -11.04
CA PHE A 317 21.21 -5.77 -9.78
C PHE A 317 20.84 -4.49 -9.07
N GLY A 318 20.48 -4.58 -7.81
CA GLY A 318 19.95 -3.44 -7.09
C GLY A 318 20.84 -2.82 -6.03
N GLY A 319 22.00 -3.42 -5.85
CA GLY A 319 23.03 -2.90 -4.97
C GLY A 319 23.88 -1.81 -5.60
N GLU A 320 24.60 -1.11 -4.73
CA GLU A 320 25.63 -0.17 -5.10
C GLU A 320 26.85 -1.00 -5.48
N LEU A 321 27.01 -1.16 -6.80
CA LEU A 321 28.04 -2.03 -7.36
C LEU A 321 29.45 -1.75 -6.85
N ARG A 322 29.74 -0.47 -6.59
CA ARG A 322 31.08 -0.05 -6.26
C ARG A 322 31.49 -0.60 -4.91
N ASP A 323 30.51 -1.01 -4.12
CA ASP A 323 30.80 -1.56 -2.79
C ASP A 323 30.82 -3.08 -2.76
N ASN A 324 30.78 -3.71 -3.93
CA ASN A 324 30.76 -5.17 -4.00
C ASN A 324 31.96 -5.79 -3.28
N ASP A 325 31.78 -6.98 -2.72
CA ASP A 325 32.92 -7.79 -2.29
C ASP A 325 33.16 -8.86 -3.31
N GLU A 326 34.14 -9.72 -3.05
CA GLU A 326 34.52 -10.74 -4.01
C GLU A 326 33.36 -11.72 -4.18
N TRP A 327 32.73 -12.08 -3.07
CA TRP A 327 31.56 -12.97 -3.15
C TRP A 327 30.49 -12.41 -4.09
N THR A 328 30.12 -11.16 -3.91
CA THR A 328 28.99 -10.60 -4.70
C THR A 328 29.34 -10.52 -6.19
N LEU A 329 30.57 -10.14 -6.49
CA LEU A 329 31.03 -10.03 -7.86
C LEU A 329 31.03 -11.42 -8.52
N SER A 330 31.36 -12.43 -7.74
CA SER A 330 31.42 -13.81 -8.28
C SER A 330 30.02 -14.31 -8.64
N LEU A 331 28.97 -13.84 -7.93
CA LEU A 331 27.59 -14.16 -8.32
C LEU A 331 27.20 -13.61 -9.69
N LEU A 332 27.94 -12.59 -10.14
CA LEU A 332 27.57 -11.83 -11.36
C LEU A 332 28.36 -12.25 -12.58
N THR A 333 29.39 -13.05 -12.36
CA THR A 333 30.39 -13.34 -13.41
C THR A 333 30.54 -14.84 -13.65
N ASN A 334 29.55 -15.61 -13.24
CA ASN A 334 29.54 -17.03 -13.53
C ASN A 334 28.86 -17.31 -14.87
N GLU A 335 29.67 -17.61 -15.87
CA GLU A 335 29.19 -17.65 -17.25
C GLU A 335 28.21 -18.80 -17.44
N GLY A 336 28.41 -19.88 -16.70
CA GLY A 336 27.47 -21.00 -16.73
C GLY A 336 26.06 -20.63 -16.30
N ILE A 337 25.94 -19.91 -15.20
CA ILE A 337 24.63 -19.44 -14.70
C ILE A 337 23.99 -18.43 -15.66
N LEU A 338 24.78 -17.49 -16.13
CA LEU A 338 24.28 -16.45 -17.01
C LEU A 338 23.83 -17.07 -18.32
N SER A 339 24.54 -18.09 -18.74
CA SER A 339 24.16 -18.76 -19.95
C SER A 339 22.79 -19.50 -19.85
N ILE A 340 22.45 -19.97 -18.66
CA ILE A 340 21.11 -20.54 -18.43
C ILE A 340 20.06 -19.45 -18.67
N ASN A 341 20.25 -18.30 -18.02
CA ASN A 341 19.30 -17.17 -18.11
C ASN A 341 19.21 -16.61 -19.55
N GLN A 342 20.35 -16.60 -20.23
CA GLN A 342 20.45 -15.90 -21.52
C GLN A 342 20.27 -16.81 -22.76
N LYS A 343 20.50 -18.11 -22.59
CA LYS A 343 20.58 -19.02 -23.73
C LYS A 343 19.72 -20.29 -23.66
N SER A 344 19.27 -20.69 -22.48
CA SER A 344 18.55 -21.96 -22.36
C SER A 344 17.12 -21.90 -22.92
N VAL A 345 16.59 -23.07 -23.24
CA VAL A 345 15.25 -23.22 -23.76
C VAL A 345 14.48 -24.32 -23.02
N LEU A 346 13.20 -24.43 -23.29
CA LEU A 346 12.37 -25.48 -22.70
C LEU A 346 12.27 -25.34 -21.17
N ASN A 347 12.47 -24.12 -20.72
CA ASN A 347 12.44 -23.76 -19.29
C ASN A 347 11.11 -24.12 -18.66
N ARG A 348 11.17 -24.94 -17.62
CA ARG A 348 9.96 -25.60 -17.12
C ARG A 348 10.04 -26.04 -15.67
N PHE A 349 8.88 -25.94 -15.03
CA PHE A 349 8.65 -26.40 -13.68
C PHE A 349 8.55 -27.95 -13.70
N VAL A 350 9.29 -28.66 -12.84
CA VAL A 350 9.30 -30.14 -12.86
C VAL A 350 8.44 -30.75 -11.74
N TYR A 351 8.67 -30.33 -10.52
CA TYR A 351 7.91 -30.85 -9.41
C TYR A 351 7.95 -29.95 -8.19
N ARG A 352 6.92 -30.07 -7.39
CA ARG A 352 6.98 -29.58 -6.04
C ARG A 352 6.26 -30.52 -5.10
N GLU A 353 6.97 -30.89 -4.05
CA GLU A 353 6.46 -31.79 -3.07
C GLU A 353 7.01 -31.41 -1.71
N GLU A 354 6.13 -30.98 -0.84
CA GLU A 354 6.49 -30.65 0.55
C GLU A 354 7.78 -29.82 0.63
N ASP A 355 7.72 -28.64 -0.02
CA ASP A 355 8.78 -27.63 -0.05
C ASP A 355 10.06 -28.07 -0.77
N LYS A 356 10.02 -29.19 -1.45
CA LYS A 356 11.10 -29.62 -2.32
C LYS A 356 10.65 -29.27 -3.75
N VAL A 357 11.46 -28.50 -4.48
CA VAL A 357 11.08 -28.00 -5.78
C VAL A 357 12.18 -28.28 -6.81
N ALA A 358 11.75 -28.61 -8.02
CA ALA A 358 12.67 -28.85 -9.17
C ALA A 358 12.20 -28.08 -10.39
N TRP A 359 13.14 -27.47 -11.12
CA TRP A 359 12.90 -26.83 -12.41
C TRP A 359 14.02 -27.37 -13.34
N ALA A 360 13.78 -27.27 -14.64
CA ALA A 360 14.75 -27.73 -15.66
C ALA A 360 14.77 -26.84 -16.89
N ALA A 361 15.86 -26.97 -17.63
CA ALA A 361 15.99 -26.36 -18.95
C ALA A 361 17.02 -27.11 -19.78
N ASN A 362 17.06 -26.76 -21.05
CA ASN A 362 17.94 -27.39 -21.99
C ASN A 362 18.87 -26.36 -22.60
N GLY A 363 20.14 -26.77 -22.71
CA GLY A 363 21.14 -25.95 -23.34
C GLY A 363 21.17 -26.26 -24.82
N ARG A 364 22.05 -25.59 -25.54
CA ARG A 364 22.00 -25.61 -26.98
C ARG A 364 23.23 -26.36 -27.43
N ASN A 365 23.82 -27.08 -26.50
CA ASN A 365 25.09 -27.79 -26.73
C ASN A 365 24.98 -29.23 -26.21
N GLY A 366 23.79 -29.80 -26.31
CA GLY A 366 23.56 -31.20 -25.90
C GLY A 366 23.34 -31.38 -24.40
N GLU A 367 23.41 -30.29 -23.64
CA GLU A 367 23.28 -30.37 -22.20
C GLU A 367 21.90 -29.94 -21.69
N ALA A 368 21.60 -30.38 -20.48
CA ALA A 368 20.43 -29.94 -19.76
C ALA A 368 20.83 -29.39 -18.38
N TYR A 369 19.87 -28.74 -17.75
CA TYR A 369 20.05 -28.10 -16.45
C TYR A 369 18.88 -28.45 -15.58
N VAL A 370 19.19 -28.76 -14.32
CA VAL A 370 18.19 -29.00 -13.31
C VAL A 370 18.51 -28.18 -12.06
N ALA A 371 17.51 -27.44 -11.60
CA ALA A 371 17.60 -26.68 -10.36
C ALA A 371 16.75 -27.39 -9.29
N LEU A 372 17.41 -27.74 -8.20
CA LEU A 372 16.80 -28.38 -7.05
C LEU A 372 16.80 -27.45 -5.83
N PHE A 373 15.66 -27.32 -5.14
CA PHE A 373 15.52 -26.31 -4.12
C PHE A 373 14.93 -26.89 -2.84
N ASN A 374 15.60 -26.69 -1.71
CA ASN A 374 15.00 -26.95 -0.43
C ASN A 374 14.45 -25.65 0.15
N LEU A 375 13.13 -25.47 0.04
CA LEU A 375 12.45 -24.24 0.54
C LEU A 375 12.06 -24.36 2.02
N HIS A 376 12.39 -25.48 2.61
CA HIS A 376 11.98 -25.77 3.97
C HIS A 376 12.95 -25.20 4.98
N ASP A 377 12.54 -25.17 6.24
CA ASP A 377 13.38 -24.54 7.26
C ASP A 377 14.21 -25.56 8.03
N GLN A 378 14.21 -26.78 7.54
CA GLN A 378 15.14 -27.81 8.02
C GLN A 378 15.74 -28.53 6.79
N GLN A 379 16.85 -29.23 6.99
CA GLN A 379 17.51 -29.93 5.88
C GLN A 379 16.59 -30.99 5.28
N LYS A 380 16.68 -31.17 3.98
CA LYS A 380 15.89 -32.13 3.26
C LYS A 380 16.76 -32.79 2.20
N THR A 381 16.39 -34.00 1.82
CA THR A 381 17.01 -34.69 0.70
C THR A 381 16.17 -34.51 -0.54
N LEU A 382 16.79 -33.93 -1.54
CA LEU A 382 16.14 -33.75 -2.84
C LEU A 382 16.53 -34.86 -3.81
N GLN A 383 15.54 -35.37 -4.54
CA GLN A 383 15.75 -36.46 -5.49
C GLN A 383 15.51 -35.97 -6.91
N PHE A 384 16.09 -36.70 -7.83
CA PHE A 384 15.90 -36.43 -9.22
C PHE A 384 16.18 -37.66 -10.05
N ARG A 385 15.39 -37.86 -11.10
CA ARG A 385 15.62 -38.94 -12.09
C ARG A 385 15.58 -38.39 -13.49
N LEU A 386 16.36 -39.02 -14.35
CA LEU A 386 16.46 -38.59 -15.75
C LEU A 386 15.10 -38.58 -16.48
N ASP A 387 14.21 -39.48 -16.10
CA ASP A 387 12.88 -39.57 -16.75
C ASP A 387 12.04 -38.32 -16.56
N MSE A 388 12.39 -37.48 -15.60
CA MSE A 388 11.67 -36.22 -15.36
C MSE A 388 12.04 -35.15 -16.37
O MSE A 388 11.33 -34.13 -16.49
CB MSE A 388 12.02 -35.66 -13.99
CG MSE A 388 11.63 -36.50 -12.81
SE MSE A 388 12.43 -35.71 -11.20
CE MSE A 388 11.64 -36.87 -9.94
N VAL A 389 13.17 -35.31 -17.03
CA VAL A 389 13.69 -34.25 -17.91
C VAL A 389 13.95 -34.72 -19.34
N GLY A 390 13.44 -35.91 -19.68
CA GLY A 390 13.42 -36.35 -21.08
C GLY A 390 14.64 -37.12 -21.52
N ILE A 391 15.47 -37.57 -20.57
CA ILE A 391 16.74 -38.24 -20.92
C ILE A 391 16.67 -39.72 -20.58
N MSE A 392 17.15 -40.54 -21.51
CA MSE A 392 17.10 -41.98 -21.40
C MSE A 392 18.47 -42.59 -21.61
O MSE A 392 18.57 -43.74 -21.94
CB MSE A 392 16.13 -42.57 -22.44
CG MSE A 392 14.71 -42.12 -22.22
SE MSE A 392 13.54 -42.47 -23.69
CE MSE A 392 14.08 -40.96 -24.73
N GLU A 393 19.50 -41.80 -21.41
CA GLU A 393 20.89 -42.27 -21.49
C GLU A 393 21.60 -41.78 -20.24
N THR A 394 22.72 -42.40 -19.90
CA THR A 394 23.53 -41.98 -18.75
C THR A 394 24.12 -40.60 -19.00
N VAL A 395 24.24 -39.83 -17.91
CA VAL A 395 24.79 -38.48 -17.97
C VAL A 395 25.83 -38.29 -16.88
N GLN A 396 26.67 -37.28 -17.09
N GLN A 396 26.59 -37.23 -17.03
CA GLN A 396 27.59 -36.70 -16.10
CA GLN A 396 27.51 -36.78 -16.00
C GLN A 396 26.90 -35.51 -15.41
C GLN A 396 26.96 -35.50 -15.41
N LEU A 397 26.99 -35.41 -14.09
CA LEU A 397 26.35 -34.29 -13.36
C LEU A 397 27.42 -33.37 -12.81
N PHE A 398 27.22 -32.08 -13.05
CA PHE A 398 28.13 -31.01 -12.55
C PHE A 398 27.36 -30.00 -11.77
N ASN A 399 28.03 -29.48 -10.74
CA ASN A 399 27.58 -28.36 -9.93
C ASN A 399 27.96 -27.09 -10.65
N VAL A 400 26.98 -26.36 -11.16
CA VAL A 400 27.28 -25.22 -12.06
C VAL A 400 28.00 -24.09 -11.31
N TRP A 401 27.57 -23.82 -10.08
CA TRP A 401 28.16 -22.70 -9.34
C TRP A 401 29.63 -22.94 -9.03
N ASP A 402 30.00 -24.13 -8.61
CA ASP A 402 31.41 -24.28 -8.30
C ASP A 402 32.18 -25.06 -9.37
N ARG A 403 31.51 -25.27 -10.48
CA ARG A 403 32.11 -25.82 -11.69
C ARG A 403 32.77 -27.15 -11.40
N SER A 404 32.14 -28.02 -10.64
CA SER A 404 32.77 -29.28 -10.31
C SER A 404 31.87 -30.48 -10.61
N PHE A 405 32.54 -31.58 -10.88
CA PHE A 405 31.88 -32.85 -11.16
C PHE A 405 31.31 -33.42 -9.88
N LEU A 406 30.10 -33.94 -10.00
CA LEU A 406 29.45 -34.62 -8.89
C LEU A 406 29.53 -36.14 -9.08
N GLN A 407 28.82 -36.62 -10.10
CA GLN A 407 28.76 -38.07 -10.39
C GLN A 407 28.08 -38.32 -11.70
N SER A 408 28.09 -39.60 -12.11
CA SER A 408 27.33 -39.99 -13.27
C SER A 408 25.96 -40.44 -12.77
N LEU A 409 24.98 -40.46 -13.65
CA LEU A 409 23.64 -40.87 -13.28
C LEU A 409 23.03 -41.60 -14.45
N ALA A 410 22.57 -42.81 -14.20
CA ALA A 410 21.98 -43.70 -15.20
C ALA A 410 20.46 -43.57 -15.14
N PRO A 411 19.78 -43.90 -16.24
CA PRO A 411 18.31 -43.80 -16.17
C PRO A 411 17.67 -44.67 -15.04
N SER A 412 18.34 -45.74 -14.64
CA SER A 412 17.77 -46.61 -13.62
C SER A 412 18.00 -46.13 -12.18
N GLU A 413 18.64 -44.97 -12.01
CA GLU A 413 19.03 -44.46 -10.69
C GLU A 413 18.29 -43.22 -10.27
N SER A 414 18.36 -42.90 -9.00
CA SER A 414 17.92 -41.61 -8.50
C SER A 414 19.09 -40.84 -7.99
N PHE A 415 19.18 -39.58 -8.35
CA PHE A 415 20.14 -38.70 -7.73
C PHE A 415 19.53 -38.22 -6.42
N GLN A 416 20.31 -38.25 -5.35
CA GLN A 416 19.92 -37.68 -4.04
C GLN A 416 20.95 -36.74 -3.49
N ILE A 417 20.49 -35.61 -3.00
CA ILE A 417 21.38 -34.63 -2.41
C ILE A 417 20.74 -34.04 -1.14
N GLU A 418 21.51 -33.98 -0.05
CA GLU A 418 21.04 -33.32 1.16
C GLU A 418 21.29 -31.82 1.06
N LEU A 419 20.24 -31.03 1.24
CA LEU A 419 20.39 -29.58 1.14
C LEU A 419 20.01 -28.95 2.45
N LYS A 420 20.82 -28.01 2.88
CA LYS A 420 20.48 -27.16 4.04
C LYS A 420 19.20 -26.38 3.80
N PRO A 421 18.57 -25.90 4.87
CA PRO A 421 17.39 -25.06 4.67
C PRO A 421 17.67 -23.86 3.75
N HIS A 422 16.77 -23.65 2.80
CA HIS A 422 16.86 -22.54 1.84
C HIS A 422 17.95 -22.71 0.82
N GLN A 423 18.61 -23.87 0.82
CA GLN A 423 19.71 -24.13 -0.07
C GLN A 423 19.24 -24.82 -1.33
N SER A 424 19.94 -24.55 -2.41
CA SER A 424 19.60 -25.13 -3.69
C SER A 424 20.87 -25.63 -4.39
N MSE A 425 20.65 -26.35 -5.47
CA MSE A 425 21.75 -26.78 -6.31
C MSE A 425 21.37 -26.67 -7.75
O MSE A 425 20.31 -27.18 -8.19
CB MSE A 425 22.06 -28.23 -5.99
CG MSE A 425 22.82 -28.82 -7.15
SE MSE A 425 24.74 -28.53 -6.85
CE MSE A 425 24.54 -30.26 -6.01
N MSE A 426 22.25 -26.04 -8.53
CA MSE A 426 22.09 -26.01 -9.98
C MSE A 426 23.00 -27.04 -10.65
O MSE A 426 24.23 -27.00 -10.50
CB MSE A 426 22.35 -24.59 -10.51
CG MSE A 426 22.21 -24.47 -12.00
SE MSE A 426 20.38 -24.55 -12.60
CE MSE A 426 19.88 -22.66 -12.45
N LEU A 427 22.37 -27.99 -11.36
CA LEU A 427 23.10 -29.07 -12.01
C LEU A 427 23.13 -28.86 -13.52
N LYS A 428 24.28 -29.20 -14.09
CA LYS A 428 24.40 -29.43 -15.54
C LYS A 428 24.47 -30.92 -15.79
N LEU A 429 23.64 -31.38 -16.71
CA LEU A 429 23.61 -32.76 -17.11
C LEU A 429 24.21 -32.83 -18.49
N SER A 430 25.40 -33.43 -18.62
CA SER A 430 25.94 -33.59 -19.97
C SER A 430 26.01 -35.05 -20.36
N PRO A 431 26.08 -35.30 -21.66
CA PRO A 431 26.13 -36.64 -22.15
C PRO A 431 27.32 -37.39 -21.56
N ASP A 432 27.07 -38.65 -21.25
CA ASP A 432 28.08 -39.50 -20.68
C ASP A 432 29.16 -39.67 -21.73
N ARG A 433 30.39 -39.42 -21.31
CA ARG A 433 31.51 -39.41 -22.25
C ARG A 433 32.36 -40.61 -21.92
N GLY B 1 -7.77 -12.40 18.66
CA GLY B 1 -8.94 -11.45 18.66
C GLY B 1 -8.88 -10.36 19.74
N MSE B 2 -9.82 -9.43 19.72
CA MSE B 2 -9.80 -8.33 20.72
C MSE B 2 -11.08 -8.42 21.53
O MSE B 2 -12.16 -8.07 21.07
CB MSE B 2 -9.64 -6.96 20.08
CG MSE B 2 -8.99 -5.85 20.98
SE MSE B 2 -10.15 -5.25 22.33
CE MSE B 2 -11.67 -4.82 21.27
N GLU B 3 -10.92 -8.89 22.76
CA GLU B 3 -12.04 -9.35 23.58
C GLU B 3 -12.34 -8.50 24.83
N VAL B 4 -11.83 -7.28 24.85
CA VAL B 4 -12.04 -6.38 26.00
C VAL B 4 -12.69 -5.06 25.56
N ASN B 5 -13.42 -4.46 26.49
CA ASN B 5 -14.08 -3.15 26.26
C ASN B 5 -13.26 -1.94 26.69
N ARG B 6 -12.15 -2.19 27.36
N ARG B 6 -12.15 -2.20 27.38
CA ARG B 6 -11.22 -1.13 27.73
CA ARG B 6 -11.20 -1.17 27.81
C ARG B 6 -9.80 -1.46 27.35
C ARG B 6 -9.80 -1.49 27.30
N LEU B 7 -9.17 -0.48 26.72
CA LEU B 7 -7.75 -0.55 26.32
C LEU B 7 -7.08 0.71 26.90
N SER B 8 -6.05 0.52 27.70
CA SER B 8 -5.46 1.62 28.47
C SER B 8 -6.51 2.41 29.22
N ALA B 9 -7.49 1.68 29.75
CA ALA B 9 -8.45 2.24 30.67
C ALA B 9 -9.56 2.99 29.94
N LEU B 10 -9.52 2.96 28.61
CA LEU B 10 -10.50 3.69 27.80
C LEU B 10 -11.42 2.76 27.02
N THR B 11 -12.67 3.18 26.83
CA THR B 11 -13.58 2.49 25.93
C THR B 11 -13.53 3.06 24.50
N PRO B 12 -14.11 2.34 23.54
CA PRO B 12 -14.05 2.85 22.17
C PRO B 12 -14.64 4.25 22.08
N PRO B 13 -13.97 5.15 21.35
CA PRO B 13 -14.55 6.44 21.17
C PRO B 13 -15.91 6.49 20.43
N MSE B 14 -16.78 7.38 20.90
CA MSE B 14 -18.07 7.64 20.29
C MSE B 14 -18.22 9.11 20.03
O MSE B 14 -17.99 9.94 20.90
CB MSE B 14 -19.21 7.22 21.23
CG MSE B 14 -19.36 5.72 21.49
SE MSE B 14 -20.70 5.27 22.83
CE MSE B 14 -22.20 6.29 22.13
N GLY B 15 -18.57 9.44 18.79
CA GLY B 15 -18.68 10.82 18.39
C GLY B 15 -19.08 11.03 16.95
N TRP B 16 -18.76 12.23 16.47
CA TRP B 16 -19.08 12.70 15.13
C TRP B 16 -17.79 13.09 14.45
N ASN B 17 -17.66 12.80 13.17
CA ASN B 17 -16.47 13.17 12.40
C ASN B 17 -16.88 13.88 11.11
N SER B 18 -16.16 14.96 10.76
CA SER B 18 -16.56 15.83 9.62
C SER B 18 -16.34 15.31 8.22
N TRP B 19 -15.63 14.20 8.09
CA TRP B 19 -15.22 13.72 6.79
C TRP B 19 -16.35 13.29 5.85
N ASP B 20 -17.26 12.42 6.28
CA ASP B 20 -18.27 11.91 5.35
C ASP B 20 -19.23 12.98 4.85
N CYS B 21 -19.48 13.98 5.69
CA CYS B 21 -20.42 15.06 5.38
C CYS B 21 -19.69 16.23 4.70
N TYR B 22 -18.50 16.60 5.17
CA TYR B 22 -17.83 17.83 4.72
C TYR B 22 -16.44 17.68 4.14
N GLY B 23 -16.03 16.42 3.94
CA GLY B 23 -14.71 16.14 3.44
C GLY B 23 -13.64 16.79 4.27
N ALA B 24 -12.77 17.50 3.58
CA ALA B 24 -11.61 18.20 4.15
C ALA B 24 -11.94 19.64 4.51
N SER B 25 -13.18 20.07 4.32
CA SER B 25 -13.50 21.50 4.31
C SER B 25 -14.55 21.98 5.33
N VAL B 26 -14.71 21.26 6.42
CA VAL B 26 -15.67 21.66 7.47
C VAL B 26 -15.38 23.07 8.00
N THR B 27 -16.44 23.74 8.42
CA THR B 27 -16.34 25.09 8.95
C THR B 27 -16.66 25.10 10.44
N GLU B 28 -16.25 26.16 11.09
CA GLU B 28 -16.54 26.33 12.51
C GLU B 28 -18.05 26.23 12.85
N GLU B 29 -18.88 26.82 12.01
CA GLU B 29 -20.33 26.82 12.27
C GLU B 29 -20.89 25.40 12.14
N GLU B 30 -20.36 24.66 11.19
CA GLU B 30 -20.80 23.28 10.97
C GLU B 30 -20.43 22.41 12.16
N VAL B 31 -19.23 22.62 12.68
CA VAL B 31 -18.72 21.83 13.81
C VAL B 31 -19.59 22.15 15.05
N LEU B 32 -19.85 23.42 15.27
CA LEU B 32 -20.62 23.83 16.44
C LEU B 32 -22.07 23.36 16.37
N GLY B 33 -22.64 23.34 15.16
CA GLY B 33 -24.01 22.88 14.95
C GLY B 33 -24.14 21.39 15.27
N ASN B 34 -23.14 20.65 14.86
CA ASN B 34 -23.09 19.24 15.21
C ASN B 34 -22.87 19.02 16.71
N ALA B 35 -22.01 19.82 17.34
CA ALA B 35 -21.79 19.72 18.77
C ALA B 35 -23.07 20.02 19.54
N GLU B 36 -23.82 21.06 19.09
CA GLU B 36 -25.08 21.43 19.76
C GLU B 36 -26.09 20.31 19.65
N TYR B 37 -26.21 19.72 18.48
CA TYR B 37 -27.10 18.59 18.31
C TYR B 37 -26.71 17.45 19.24
N MSE B 38 -25.43 17.14 19.27
CA MSE B 38 -24.96 16.06 20.11
C MSE B 38 -25.24 16.33 21.57
O MSE B 38 -25.68 15.43 22.30
CB MSE B 38 -23.45 15.80 19.90
CG MSE B 38 -22.90 14.72 20.80
SE MSE B 38 -21.05 14.28 20.35
CE MSE B 38 -21.29 13.66 18.55
N ALA B 39 -25.01 17.57 22.00
CA ALA B 39 -25.26 17.95 23.40
C ALA B 39 -26.73 17.78 23.76
N ASN B 40 -27.63 18.15 22.85
CA ASN B 40 -29.06 18.09 23.12
C ASN B 40 -29.71 16.73 23.05
N HIS B 41 -29.22 15.83 22.17
CA HIS B 41 -29.87 14.55 21.90
C HIS B 41 -29.09 13.30 22.23
N LEU B 42 -27.78 13.40 22.19
CA LEU B 42 -26.95 12.23 22.23
C LEU B 42 -26.06 12.08 23.45
N LYS B 43 -25.69 13.20 24.05
CA LYS B 43 -24.67 13.22 25.09
C LYS B 43 -25.00 12.26 26.24
N LYS B 44 -26.27 12.20 26.59
CA LYS B 44 -26.69 11.36 27.71
C LYS B 44 -26.52 9.87 27.42
N TYR B 45 -26.29 9.51 26.16
CA TYR B 45 -26.12 8.13 25.78
C TYR B 45 -24.64 7.73 25.68
N GLY B 46 -23.77 8.72 25.82
CA GLY B 46 -22.32 8.51 25.77
C GLY B 46 -21.59 9.07 24.57
N TRP B 47 -22.31 9.68 23.66
CA TRP B 47 -21.70 10.28 22.48
C TRP B 47 -20.94 11.49 22.97
N GLU B 48 -19.64 11.60 22.66
CA GLU B 48 -18.88 12.66 23.27
C GLU B 48 -17.90 13.42 22.41
N TYR B 49 -17.33 12.80 21.38
CA TYR B 49 -16.32 13.49 20.54
C TYR B 49 -16.89 14.22 19.33
N ILE B 50 -16.33 15.40 19.11
CA ILE B 50 -16.62 16.25 17.94
C ILE B 50 -15.28 16.39 17.20
N VAL B 51 -15.16 15.75 16.03
CA VAL B 51 -13.85 15.56 15.41
C VAL B 51 -13.79 16.16 14.00
N VAL B 52 -12.88 17.12 13.87
CA VAL B 52 -12.51 17.74 12.63
C VAL B 52 -11.46 16.90 11.89
N ASP B 53 -11.81 16.49 10.70
CA ASP B 53 -10.92 15.63 9.96
C ASP B 53 -9.83 16.47 9.25
N ILE B 54 -9.09 15.82 8.37
CA ILE B 54 -7.83 16.37 7.87
C ILE B 54 -8.00 17.67 7.07
N GLN B 55 -6.90 18.40 6.96
CA GLN B 55 -6.78 19.59 6.13
C GLN B 55 -7.64 20.76 6.59
N TRP B 56 -7.77 20.86 7.90
CA TRP B 56 -8.37 22.02 8.55
C TRP B 56 -7.49 23.27 8.39
N TYR B 57 -6.28 23.05 7.85
CA TYR B 57 -5.26 24.06 7.63
C TYR B 57 -5.23 24.51 6.19
N GLU B 58 -6.22 24.10 5.42
CA GLU B 58 -6.27 24.41 4.02
C GLU B 58 -7.47 25.30 3.69
N PRO B 59 -7.23 26.57 3.38
CA PRO B 59 -8.35 27.51 3.19
C PRO B 59 -9.25 27.11 2.02
N THR B 60 -8.64 26.48 1.02
CA THR B 60 -9.36 26.22 -0.25
C THR B 60 -9.85 24.77 -0.38
N ALA B 61 -9.83 24.03 0.72
CA ALA B 61 -10.25 22.61 0.68
C ALA B 61 -11.67 22.48 0.04
N ASN B 62 -11.83 21.50 -0.86
CA ASN B 62 -13.16 21.18 -1.51
C ASN B 62 -13.97 22.32 -2.18
N ASN B 67 -4.63 26.04 -6.12
CA ASN B 67 -4.00 24.83 -6.65
C ASN B 67 -4.11 23.63 -5.70
N PRO B 68 -3.83 22.41 -6.22
CA PRO B 68 -3.37 21.33 -5.34
C PRO B 68 -2.00 21.70 -4.74
N PHE B 69 -1.51 22.88 -5.15
CA PHE B 69 -0.19 23.41 -4.74
C PHE B 69 -0.39 24.79 -4.07
N ALA B 70 -1.59 24.98 -3.49
CA ALA B 70 -1.95 26.23 -2.77
C ALA B 70 -1.29 26.19 -1.36
N PRO B 71 -0.92 27.35 -0.78
CA PRO B 71 -0.26 27.30 0.55
C PRO B 71 -1.19 26.86 1.65
N LEU B 72 -0.60 26.23 2.66
CA LEU B 72 -1.31 25.81 3.82
C LEU B 72 -1.10 26.85 4.93
N CYS B 73 -2.04 26.96 5.84
CA CYS B 73 -1.88 27.87 6.99
C CYS B 73 -0.91 27.26 7.97
N MSE B 74 0.10 28.02 8.36
CA MSE B 74 1.26 27.48 9.08
C MSE B 74 1.92 28.58 9.90
O MSE B 74 2.07 29.70 9.42
CB MSE B 74 2.24 26.92 8.07
CG MSE B 74 3.32 26.05 8.68
SE MSE B 74 4.52 25.30 7.41
CE MSE B 74 5.64 26.78 7.05
N ASP B 75 2.35 28.25 11.11
CA ASP B 75 3.09 29.21 11.92
C ASP B 75 4.57 29.28 11.58
N GLU B 76 5.29 30.10 12.30
CA GLU B 76 6.69 30.35 11.97
C GLU B 76 7.58 29.17 12.32
N TYR B 77 7.03 28.24 13.11
CA TYR B 77 7.74 27.04 13.57
C TYR B 77 7.30 25.78 12.82
N GLY B 78 6.69 26.00 11.65
CA GLY B 78 6.33 24.92 10.76
C GLY B 78 5.17 24.09 11.22
N ARG B 79 4.33 24.66 12.07
CA ARG B 79 3.17 23.95 12.62
C ARG B 79 1.92 24.46 11.94
N LEU B 80 1.18 23.53 11.40
CA LEU B 80 -0.07 23.85 10.67
C LEU B 80 -1.15 24.42 11.59
N LEU B 81 -1.88 25.39 11.07
CA LEU B 81 -2.91 26.13 11.77
C LEU B 81 -4.26 26.10 11.07
N PRO B 82 -5.33 26.36 11.81
CA PRO B 82 -6.65 26.40 11.18
C PRO B 82 -6.81 27.57 10.22
N ALA B 83 -7.38 27.28 9.07
CA ALA B 83 -7.75 28.27 8.09
C ALA B 83 -8.80 29.18 8.69
N THR B 84 -8.50 30.47 8.73
CA THR B 84 -9.40 31.41 9.39
C THR B 84 -10.61 31.77 8.55
N ASN B 85 -10.58 31.47 7.26
CA ASN B 85 -11.79 31.67 6.46
C ASN B 85 -12.86 30.64 6.87
N ARG B 86 -12.42 29.47 7.29
CA ARG B 86 -13.33 28.41 7.72
C ARG B 86 -13.56 28.48 9.24
N PHE B 87 -12.54 28.94 9.97
CA PHE B 87 -12.53 29.02 11.43
C PHE B 87 -12.19 30.43 11.89
N PRO B 88 -13.14 31.36 11.73
CA PRO B 88 -12.87 32.76 11.99
C PRO B 88 -12.34 33.01 13.41
N SER B 89 -12.77 32.19 14.38
CA SER B 89 -12.35 32.39 15.77
C SER B 89 -10.87 32.06 16.04
N ALA B 90 -10.22 31.47 15.05
CA ALA B 90 -8.82 31.03 15.15
C ALA B 90 -7.85 32.20 14.97
N LYS B 91 -8.41 33.34 14.64
N LYS B 91 -8.39 33.36 14.60
CA LYS B 91 -7.64 34.58 14.35
CA LYS B 91 -7.54 34.51 14.29
C LYS B 91 -6.76 35.00 15.54
C LYS B 91 -6.76 35.00 15.51
N ASN B 92 -5.73 35.79 15.23
CA ASN B 92 -4.91 36.43 16.28
C ASN B 92 -4.28 35.42 17.23
N GLY B 93 -3.86 34.29 16.66
CA GLY B 93 -3.14 33.30 17.43
C GLY B 93 -3.97 32.37 18.31
N ALA B 94 -5.29 32.44 18.21
CA ALA B 94 -6.18 31.67 19.07
C ALA B 94 -6.30 30.20 18.65
N GLY B 95 -6.07 29.91 17.37
CA GLY B 95 -6.22 28.56 16.88
C GLY B 95 -7.57 27.95 17.21
N PHE B 96 -7.54 26.71 17.66
CA PHE B 96 -8.78 25.99 17.92
C PHE B 96 -9.31 26.23 19.34
N LYS B 97 -8.63 27.05 20.13
CA LYS B 97 -9.01 27.21 21.54
C LYS B 97 -10.45 27.69 21.74
N PRO B 98 -10.90 28.68 20.96
CA PRO B 98 -12.29 29.12 21.14
C PRO B 98 -13.30 28.08 20.72
N LEU B 99 -13.02 27.34 19.66
CA LEU B 99 -13.90 26.27 19.25
C LEU B 99 -13.99 25.17 20.32
N SER B 100 -12.85 24.75 20.83
CA SER B 100 -12.83 23.70 21.84
C SER B 100 -13.45 24.16 23.16
N ASP B 101 -13.27 25.42 23.49
CA ASP B 101 -13.95 26.00 24.66
C ASP B 101 -15.49 25.89 24.56
N ALA B 102 -16.01 26.23 23.39
CA ALA B 102 -17.44 26.11 23.11
C ALA B 102 -17.88 24.65 23.25
N ILE B 103 -17.11 23.73 22.68
CA ILE B 103 -17.43 22.31 22.77
C ILE B 103 -17.41 21.82 24.22
N HIS B 104 -16.38 22.19 24.96
CA HIS B 104 -16.30 21.83 26.37
C HIS B 104 -17.47 22.41 27.14
N ASP B 105 -17.91 23.59 26.77
CA ASP B 105 -19.05 24.23 27.47
C ASP B 105 -20.32 23.43 27.28
N LEU B 106 -20.37 22.63 26.22
CA LEU B 106 -21.55 21.82 25.90
C LEU B 106 -21.41 20.45 26.53
N GLY B 107 -20.29 20.24 27.22
CA GLY B 107 -20.03 18.99 27.93
C GLY B 107 -19.41 17.91 27.04
N LEU B 108 -18.85 18.34 25.94
CA LEU B 108 -18.35 17.43 24.94
C LEU B 108 -16.83 17.55 24.80
N LYS B 109 -16.25 16.77 23.89
CA LYS B 109 -14.81 16.74 23.70
C LYS B 109 -14.47 17.01 22.26
N PHE B 110 -13.26 17.57 22.04
CA PHE B 110 -12.85 18.07 20.74
C PHE B 110 -11.72 17.22 20.19
N GLY B 111 -11.84 16.84 18.92
CA GLY B 111 -10.79 16.04 18.32
C GLY B 111 -10.36 16.56 16.96
N ILE B 112 -9.15 16.21 16.56
CA ILE B 112 -8.67 16.50 15.21
C ILE B 112 -7.95 15.30 14.58
N HIS B 113 -7.91 15.29 13.24
CA HIS B 113 -7.02 14.41 12.51
C HIS B 113 -5.88 15.23 11.97
N ILE B 114 -4.71 14.63 12.06
CA ILE B 114 -3.49 15.17 11.45
C ILE B 114 -2.82 14.12 10.57
N MSE B 115 -2.04 14.63 9.64
CA MSE B 115 -1.19 13.83 8.79
C MSE B 115 0.17 13.66 9.48
O MSE B 115 0.69 14.60 10.06
CB MSE B 115 -0.93 14.56 7.45
CG MSE B 115 -2.12 14.81 6.58
SE MSE B 115 -3.12 13.24 6.04
CE MSE B 115 -1.61 12.21 5.25
N ARG B 116 0.73 12.45 9.42
CA ARG B 116 2.07 12.16 9.84
C ARG B 116 3.06 13.14 9.24
N GLY B 117 3.94 13.63 10.08
CA GLY B 117 5.15 14.31 9.63
C GLY B 117 5.22 15.77 9.84
N ILE B 118 5.96 16.39 8.92
CA ILE B 118 6.25 17.84 8.92
C ILE B 118 5.89 18.40 7.54
N PRO B 119 5.31 19.61 7.48
CA PRO B 119 4.83 20.08 6.16
C PRO B 119 5.97 20.30 5.18
N ARG B 120 5.72 19.93 3.90
CA ARG B 120 6.70 20.16 2.88
C ARG B 120 7.02 21.63 2.82
N GLN B 121 6.02 22.43 3.16
CA GLN B 121 6.13 23.90 3.14
C GLN B 121 7.12 24.39 4.20
N ALA B 122 7.13 23.70 5.33
CA ALA B 122 8.06 24.01 6.41
C ALA B 122 9.49 23.72 5.95
N VAL B 123 9.66 22.62 5.23
CA VAL B 123 10.95 22.25 4.70
C VAL B 123 11.38 23.26 3.65
N TYR B 124 10.44 23.71 2.82
CA TYR B 124 10.73 24.73 1.81
C TYR B 124 11.22 26.03 2.50
N GLU B 125 10.56 26.42 3.57
CA GLU B 125 10.86 27.68 4.27
C GLU B 125 12.02 27.53 5.26
N ASN B 126 12.43 26.29 5.49
CA ASN B 126 13.40 25.89 6.49
C ASN B 126 13.03 26.45 7.84
N SER B 127 11.77 26.28 8.21
CA SER B 127 11.23 26.79 9.45
C SER B 127 12.00 26.31 10.67
N PRO B 128 12.26 27.19 11.64
CA PRO B 128 12.81 26.68 12.91
C PRO B 128 11.81 25.73 13.62
N VAL B 129 12.34 24.83 14.42
CA VAL B 129 11.54 23.93 15.24
C VAL B 129 11.43 24.56 16.62
N LEU B 130 10.23 24.73 17.12
CA LEU B 130 10.02 25.31 18.44
C LEU B 130 10.55 24.33 19.47
N GLY B 131 11.36 24.87 20.36
CA GLY B 131 11.99 24.08 21.41
C GLY B 131 13.20 23.30 20.93
N SER B 132 13.82 23.73 19.84
CA SER B 132 15.00 23.07 19.30
C SER B 132 15.93 24.08 18.62
N THR B 133 17.20 23.75 18.48
CA THR B 133 18.10 24.58 17.72
C THR B 133 18.12 24.16 16.26
N LYS B 134 17.39 23.10 15.92
CA LYS B 134 17.41 22.57 14.55
C LYS B 134 16.25 23.13 13.75
N THR B 135 16.32 22.94 12.44
CA THR B 135 15.31 23.48 11.56
C THR B 135 14.64 22.38 10.78
N ALA B 136 13.58 22.71 10.04
CA ALA B 136 12.80 21.73 9.31
C ALA B 136 13.62 20.91 8.31
N ARG B 137 14.57 21.55 7.62
CA ARG B 137 15.38 20.83 6.68
C ARG B 137 16.29 19.84 7.34
N GLU B 138 16.66 20.11 8.59
CA GLU B 138 17.56 19.24 9.33
C GLU B 138 16.85 18.03 9.93
N ILE B 139 15.52 18.05 10.02
CA ILE B 139 14.79 16.96 10.63
C ILE B 139 13.92 16.18 9.67
N ALA B 140 13.72 16.69 8.45
CA ALA B 140 12.77 16.05 7.55
C ALA B 140 13.39 14.85 6.87
N HIS B 141 12.54 13.88 6.57
CA HIS B 141 12.92 12.69 5.84
C HIS B 141 12.18 12.79 4.51
N THR B 142 12.85 13.35 3.51
CA THR B 142 12.17 13.84 2.31
C THR B 142 11.86 12.76 1.31
N ASN B 143 12.35 11.55 1.55
CA ASN B 143 11.95 10.42 0.74
C ASN B 143 10.76 9.65 1.33
N SER B 144 10.26 10.09 2.49
CA SER B 144 9.18 9.38 3.16
C SER B 144 7.94 10.25 3.03
N ILE B 145 7.03 9.83 2.17
CA ILE B 145 5.84 10.60 1.93
C ILE B 145 4.58 9.72 2.02
N CYS B 146 3.41 10.34 1.84
CA CYS B 146 2.11 9.68 1.83
C CYS B 146 1.71 9.31 0.40
N PRO B 147 1.24 8.07 0.16
CA PRO B 147 0.86 7.69 -1.18
C PRO B 147 -0.39 8.40 -1.72
N TRP B 148 -1.14 9.11 -0.89
CA TRP B 148 -2.41 9.73 -1.29
C TRP B 148 -2.56 11.21 -0.95
N ASN B 149 -1.52 11.84 -0.41
CA ASN B 149 -1.60 13.22 0.04
C ASN B 149 -0.18 13.84 -0.03
N THR B 150 -0.11 15.08 -0.45
CA THR B 150 1.19 15.73 -0.65
C THR B 150 1.55 16.79 0.39
N ASP B 151 0.83 16.85 1.52
CA ASP B 151 1.03 17.93 2.49
C ASP B 151 2.38 17.84 3.22
N MSE B 152 2.82 16.62 3.49
CA MSE B 152 3.91 16.37 4.45
C MSE B 152 5.08 15.56 3.87
O MSE B 152 4.99 14.88 2.83
CB MSE B 152 3.42 15.63 5.71
CG MSE B 152 2.01 15.98 6.22
SE MSE B 152 1.78 17.77 6.83
CE MSE B 152 2.34 17.66 8.69
N TYR B 153 6.19 15.68 4.58
CA TYR B 153 7.27 14.70 4.56
C TYR B 153 7.30 14.06 5.93
N GLY B 154 7.85 12.88 5.98
CA GLY B 154 8.10 12.28 7.25
C GLY B 154 9.13 13.09 8.00
N VAL B 155 9.14 12.85 9.32
CA VAL B 155 10.23 13.28 10.21
C VAL B 155 11.25 12.14 10.35
N ASP B 156 12.52 12.47 10.31
CA ASP B 156 13.60 11.47 10.39
C ASP B 156 13.94 11.17 11.86
N PRO B 157 13.60 9.99 12.36
CA PRO B 157 13.81 9.70 13.77
C PRO B 157 15.27 9.64 14.20
N THR B 158 16.19 9.61 13.26
CA THR B 158 17.60 9.50 13.64
C THR B 158 18.18 10.92 13.83
N LYS B 159 17.37 11.94 13.64
CA LYS B 159 17.85 13.33 13.75
C LYS B 159 17.44 14.04 15.04
N GLU B 160 18.41 14.71 15.66
CA GLU B 160 18.09 15.68 16.71
C GLU B 160 17.10 16.66 16.17
N GLY B 161 16.13 17.00 17.02
CA GLY B 161 15.10 17.95 16.70
C GLY B 161 13.82 17.32 16.23
N ALA B 162 13.92 16.06 15.77
CA ALA B 162 12.75 15.33 15.21
C ALA B 162 11.68 15.10 16.26
N GLN B 163 12.09 14.57 17.42
CA GLN B 163 11.18 14.39 18.54
C GLN B 163 10.64 15.75 19.02
N SER B 164 11.50 16.76 19.02
CA SER B 164 11.11 18.10 19.47
C SER B 164 9.97 18.65 18.59
N TYR B 165 10.04 18.40 17.31
CA TYR B 165 9.00 18.89 16.40
C TYR B 165 7.63 18.26 16.76
N TYR B 166 7.63 16.94 16.94
CA TYR B 166 6.40 16.25 17.35
C TYR B 166 5.88 16.75 18.69
N ASN B 167 6.77 16.95 19.64
CA ASN B 167 6.37 17.50 20.92
C ASN B 167 5.74 18.88 20.79
N SER B 168 6.24 19.67 19.85
CA SER B 168 5.80 21.02 19.62
C SER B 168 4.35 21.01 19.08
N LEU B 169 4.03 20.00 18.29
CA LEU B 169 2.68 19.83 17.75
C LEU B 169 1.71 19.52 18.87
N PHE B 170 2.02 18.53 19.68
CA PHE B 170 1.08 18.15 20.72
C PHE B 170 0.95 19.17 21.84
N GLU B 171 1.99 19.97 22.03
CA GLU B 171 1.90 21.12 22.94
C GLU B 171 0.92 22.16 22.40
N LEU B 172 1.03 22.43 21.11
CA LEU B 172 0.06 23.30 20.42
C LEU B 172 -1.35 22.78 20.58
N TYR B 173 -1.55 21.49 20.32
CA TYR B 173 -2.87 20.90 20.41
C TYR B 173 -3.42 20.94 21.85
N ALA B 174 -2.54 20.75 22.82
CA ALA B 174 -2.90 20.90 24.23
C ALA B 174 -3.34 22.33 24.50
N GLN B 175 -2.58 23.30 24.00
CA GLN B 175 -2.92 24.70 24.18
C GLN B 175 -4.27 25.03 23.54
N TRP B 176 -4.58 24.33 22.48
CA TRP B 176 -5.89 24.51 21.82
C TRP B 176 -7.03 23.73 22.50
N GLY B 177 -6.75 23.01 23.58
CA GLY B 177 -7.77 22.23 24.27
C GLY B 177 -8.25 21.00 23.50
N VAL B 178 -7.40 20.46 22.65
CA VAL B 178 -7.70 19.21 21.97
C VAL B 178 -7.75 18.04 22.97
N ASP B 179 -8.70 17.13 22.76
CA ASP B 179 -8.88 15.93 23.61
C ASP B 179 -8.65 14.60 22.91
N PHE B 180 -8.51 14.64 21.59
CA PHE B 180 -8.34 13.43 20.78
C PHE B 180 -7.62 13.80 19.51
N VAL B 181 -6.63 13.00 19.11
CA VAL B 181 -5.93 13.17 17.81
C VAL B 181 -5.82 11.80 17.11
N LYS B 182 -6.25 11.75 15.86
CA LYS B 182 -6.01 10.59 15.02
C LYS B 182 -4.92 11.00 14.03
N VAL B 183 -3.91 10.15 13.90
CA VAL B 183 -2.81 10.41 12.96
C VAL B 183 -2.97 9.51 11.74
N ASP B 184 -3.11 10.12 10.57
CA ASP B 184 -3.20 9.40 9.31
C ASP B 184 -1.82 9.22 8.72
N ASP B 185 -1.74 8.34 7.72
CA ASP B 185 -0.51 8.00 7.02
C ASP B 185 0.55 7.35 7.92
N ILE B 186 0.13 6.42 8.76
CA ILE B 186 1.01 5.56 9.54
C ILE B 186 1.20 4.17 8.87
N ALA B 187 0.17 3.70 8.18
CA ALA B 187 0.17 2.36 7.55
C ALA B 187 1.11 2.26 6.31
N ALA B 188 1.58 1.04 6.10
CA ALA B 188 2.39 0.67 4.95
C ALA B 188 1.57 0.82 3.67
N SER B 189 2.31 0.94 2.58
CA SER B 189 1.78 0.91 1.23
C SER B 189 2.91 0.39 0.36
N ARG B 190 2.72 0.36 -0.94
CA ARG B 190 3.73 -0.25 -1.79
C ARG B 190 5.13 0.31 -1.58
N LEU B 191 5.24 1.64 -1.44
CA LEU B 191 6.54 2.31 -1.46
C LEU B 191 7.06 2.78 -0.08
N TYR B 192 6.23 2.59 0.95
CA TYR B 192 6.54 3.03 2.35
C TYR B 192 6.23 1.91 3.35
N ASP B 193 7.20 1.66 4.22
CA ASP B 193 7.05 0.74 5.38
C ASP B 193 6.14 1.38 6.41
N THR B 194 5.49 0.56 7.23
CA THR B 194 4.70 1.07 8.38
C THR B 194 5.64 2.01 9.15
N HIS B 195 5.11 3.16 9.58
CA HIS B 195 5.96 4.16 10.21
C HIS B 195 6.09 3.96 11.73
N LEU B 196 6.79 2.89 12.11
CA LEU B 196 6.86 2.47 13.52
C LEU B 196 7.65 3.43 14.42
N GLU B 197 8.72 4.00 13.91
CA GLU B 197 9.55 4.93 14.69
C GLU B 197 8.82 6.22 14.99
N GLU B 198 8.05 6.70 14.02
CA GLU B 198 7.27 7.91 14.20
C GLU B 198 6.13 7.67 15.12
N ILE B 199 5.57 6.46 15.06
CA ILE B 199 4.55 6.07 16.03
C ILE B 199 5.11 6.24 17.47
N LYS B 200 6.30 5.72 17.74
CA LYS B 200 6.89 5.80 19.08
C LYS B 200 7.09 7.27 19.48
N MSE B 201 7.56 8.08 18.53
CA MSE B 201 7.79 9.48 18.80
C MSE B 201 6.49 10.21 19.11
O MSE B 201 6.45 11.04 20.01
CB MSE B 201 8.49 10.15 17.62
CG MSE B 201 9.96 9.74 17.53
SE MSE B 201 10.91 11.00 16.30
CE MSE B 201 10.40 9.95 15.12
N ILE B 202 5.45 9.90 18.36
CA ILE B 202 4.15 10.54 18.56
C ILE B 202 3.58 10.16 19.93
N GLN B 203 3.72 8.91 20.28
CA GLN B 203 3.29 8.43 21.57
C GLN B 203 3.98 9.19 22.69
N ARG B 204 5.28 9.44 22.58
CA ARG B 204 5.97 10.15 23.66
C ARG B 204 5.52 11.62 23.67
N ALA B 205 5.27 12.15 22.49
CA ALA B 205 4.88 13.57 22.35
C ALA B 205 3.56 13.83 23.04
N ILE B 206 2.59 12.93 22.85
CA ILE B 206 1.27 13.11 23.45
C ILE B 206 1.34 12.90 24.98
N GLN B 207 2.21 12.01 25.43
CA GLN B 207 2.40 11.81 26.86
C GLN B 207 2.96 13.04 27.54
N ALA B 208 3.80 13.76 26.82
CA ALA B 208 4.46 14.97 27.31
C ALA B 208 3.65 16.25 27.22
N CYS B 209 2.49 16.26 26.54
CA CYS B 209 1.92 17.56 26.12
C CYS B 209 1.21 18.32 27.22
N GLY B 210 0.98 17.66 28.34
CA GLY B 210 0.47 18.33 29.52
C GLY B 210 -1.06 18.39 29.62
N ARG B 211 -1.74 17.67 28.76
CA ARG B 211 -3.22 17.60 28.78
C ARG B 211 -3.63 16.16 28.47
N PRO B 212 -4.59 15.59 29.24
CA PRO B 212 -5.15 14.28 28.87
C PRO B 212 -5.69 14.32 27.43
N MSE B 213 -5.28 13.37 26.63
CA MSE B 213 -5.59 13.40 25.23
C MSE B 213 -5.52 12.02 24.67
O MSE B 213 -4.53 11.31 24.90
CB MSE B 213 -4.60 14.35 24.53
CG MSE B 213 -4.99 14.74 23.14
SE MSE B 213 -3.74 15.95 22.24
CE MSE B 213 -3.59 17.33 23.51
N VAL B 214 -6.56 11.60 23.96
CA VAL B 214 -6.59 10.25 23.39
C VAL B 214 -5.87 10.26 22.04
N LEU B 215 -4.99 9.28 21.82
CA LEU B 215 -4.35 9.09 20.52
C LEU B 215 -4.93 7.91 19.77
N SER B 216 -5.20 8.09 18.50
CA SER B 216 -5.61 7.01 17.63
C SER B 216 -4.70 6.95 16.39
N LEU B 217 -4.15 5.78 16.15
CA LEU B 217 -3.15 5.57 15.14
C LEU B 217 -3.41 4.39 14.19
N SER B 218 -4.28 3.49 14.61
CA SER B 218 -4.38 2.14 14.06
C SER B 218 -5.22 2.24 12.89
N PRO B 219 -4.69 1.80 11.76
CA PRO B 219 -5.71 1.64 10.77
C PRO B 219 -6.44 0.36 11.21
N GLY B 220 -7.70 0.26 10.87
CA GLY B 220 -8.51 -0.89 11.30
C GLY B 220 -8.19 -2.10 10.46
N PRO B 221 -9.15 -3.02 10.30
CA PRO B 221 -8.96 -4.23 9.51
C PRO B 221 -8.50 -3.92 8.08
N ALA B 222 -7.44 -4.61 7.65
CA ALA B 222 -6.81 -4.41 6.35
C ALA B 222 -7.72 -4.87 5.20
N PRO B 223 -7.49 -4.30 4.02
CA PRO B 223 -8.20 -4.59 2.80
C PRO B 223 -7.95 -6.00 2.38
N ILE B 224 -8.96 -6.57 1.72
N ILE B 224 -8.90 -6.53 1.62
CA ILE B 224 -8.94 -7.91 1.17
CA ILE B 224 -8.89 -7.90 1.18
C ILE B 224 -9.09 -7.81 -0.34
C ILE B 224 -9.24 -7.88 -0.32
N LYS B 225 -8.80 -8.88 -1.06
CA LYS B 225 -8.94 -8.90 -2.56
C LYS B 225 -10.38 -9.27 -2.98
N TRP B 237 -14.15 4.82 -8.34
CA TRP B 237 -14.14 5.47 -7.01
C TRP B 237 -13.74 4.49 -5.91
N ARG B 238 -13.92 3.21 -6.20
CA ARG B 238 -13.73 2.13 -5.22
C ARG B 238 -12.26 2.03 -4.90
N ILE B 239 -11.49 2.84 -5.63
CA ILE B 239 -10.03 2.87 -5.49
C ILE B 239 -9.60 3.41 -4.09
N THR B 240 -10.49 4.20 -3.48
CA THR B 240 -10.35 4.70 -2.11
C THR B 240 -10.32 3.56 -1.08
N ASP B 241 -9.59 3.76 -0.01
CA ASP B 241 -9.56 2.80 1.09
C ASP B 241 -10.69 3.13 2.07
N ASP B 242 -11.29 4.30 1.91
CA ASP B 242 -12.30 4.76 2.88
C ASP B 242 -13.58 3.93 2.77
N PHE B 243 -14.17 3.66 3.93
CA PHE B 243 -15.47 2.98 3.99
C PHE B 243 -16.57 3.99 3.66
N TRP B 244 -17.53 3.54 2.87
CA TRP B 244 -18.67 4.35 2.41
C TRP B 244 -19.98 3.56 2.30
N ASP B 245 -21.05 4.28 2.02
CA ASP B 245 -22.43 3.73 1.90
C ASP B 245 -22.62 2.91 0.61
N ASP B 246 -22.10 1.70 0.65
CA ASP B 246 -22.15 0.78 -0.45
C ASP B 246 -22.13 -0.64 0.10
N TRP B 247 -23.14 -1.41 -0.26
CA TRP B 247 -23.30 -2.76 0.27
C TRP B 247 -22.04 -3.62 0.06
N SER B 248 -21.40 -3.57 -1.10
CA SER B 248 -20.29 -4.46 -1.30
C SER B 248 -19.15 -4.15 -0.32
N LEU B 249 -19.00 -2.89 0.09
CA LEU B 249 -17.96 -2.54 1.09
C LEU B 249 -18.34 -3.05 2.46
N LEU B 250 -19.64 -2.97 2.78
CA LEU B 250 -20.14 -3.46 4.06
C LEU B 250 -20.03 -4.99 4.11
N TYR B 251 -20.43 -5.63 3.02
CA TYR B 251 -20.28 -7.08 2.88
C TYR B 251 -18.82 -7.51 3.15
N GLN B 252 -17.86 -6.81 2.53
CA GLN B 252 -16.45 -7.17 2.64
C GLN B 252 -15.91 -6.94 4.05
N MSE B 253 -16.54 -6.00 4.76
CA MSE B 253 -16.06 -5.66 6.11
C MSE B 253 -16.18 -6.87 7.03
O MSE B 253 -15.37 -7.07 7.98
CB MSE B 253 -16.80 -4.46 6.69
CG MSE B 253 -16.13 -3.91 7.96
SE MSE B 253 -14.34 -3.24 7.69
CE MSE B 253 -14.73 -1.84 6.41
N PHE B 254 -17.19 -7.71 6.77
CA PHE B 254 -17.38 -8.92 7.56
C PHE B 254 -16.17 -9.84 7.47
N GLU B 255 -15.69 -10.10 6.26
CA GLU B 255 -14.48 -10.90 6.12
C GLU B 255 -13.22 -10.19 6.63
N ARG B 256 -13.15 -8.87 6.47
CA ARG B 256 -11.96 -8.13 6.87
C ARG B 256 -11.83 -8.22 8.38
N CYS B 257 -12.95 -8.13 9.05
CA CYS B 257 -13.01 -8.30 10.53
C CYS B 257 -12.65 -9.70 11.00
N GLU B 258 -13.13 -10.73 10.33
CA GLU B 258 -12.75 -12.12 10.65
C GLU B 258 -11.22 -12.31 10.58
N VAL B 259 -10.62 -11.80 9.52
CA VAL B 259 -9.20 -11.90 9.27
C VAL B 259 -8.44 -11.09 10.35
N TRP B 260 -8.93 -9.89 10.64
CA TRP B 260 -8.28 -9.03 11.63
C TRP B 260 -8.21 -9.77 12.98
N GLU B 261 -9.29 -10.44 13.34
CA GLU B 261 -9.43 -11.04 14.66
C GLU B 261 -8.50 -12.23 14.86
N LYS B 262 -8.09 -12.87 13.78
CA LYS B 262 -7.29 -14.09 13.89
C LYS B 262 -5.80 -13.82 13.78
N HIS B 263 -5.45 -12.54 13.76
CA HIS B 263 -4.07 -12.15 13.85
C HIS B 263 -3.65 -11.70 15.25
N ILE B 264 -2.35 -11.54 15.42
CA ILE B 264 -1.79 -11.18 16.73
C ILE B 264 -2.01 -9.71 17.06
N GLY B 265 -1.85 -8.85 16.04
CA GLY B 265 -1.79 -7.40 16.22
C GLY B 265 -3.17 -6.75 16.27
N THR B 266 -3.76 -6.88 17.46
CA THR B 266 -5.17 -6.55 17.65
C THR B 266 -5.37 -5.72 18.89
N GLY B 267 -4.25 -5.23 19.46
CA GLY B 267 -4.19 -4.47 20.71
C GLY B 267 -4.77 -3.07 20.63
N HIS B 268 -5.74 -2.86 19.74
CA HIS B 268 -6.37 -1.57 19.49
C HIS B 268 -7.73 -1.85 18.92
N TRP B 269 -8.61 -0.85 18.94
CA TRP B 269 -9.94 -1.05 18.45
C TRP B 269 -9.88 -1.41 16.97
N PRO B 270 -10.71 -2.35 16.53
CA PRO B 270 -10.79 -2.52 15.10
C PRO B 270 -11.62 -1.42 14.51
N ASP B 271 -10.93 -0.48 13.88
CA ASP B 271 -11.63 0.65 13.32
C ASP B 271 -12.21 0.37 11.92
N CYS B 272 -13.51 0.12 11.92
CA CYS B 272 -14.23 -0.31 10.74
C CYS B 272 -14.59 0.80 9.77
N GLY B 273 -14.52 2.03 10.27
CA GLY B 273 -14.79 3.21 9.46
C GLY B 273 -15.86 4.08 10.07
N MSE B 274 -15.93 5.29 9.57
CA MSE B 274 -16.97 6.24 9.97
C MSE B 274 -18.30 5.63 9.52
O MSE B 274 -18.37 4.92 8.53
CB MSE B 274 -16.81 7.62 9.30
CG MSE B 274 -15.36 8.26 9.24
SE MSE B 274 -14.77 8.43 11.00
CE MSE B 274 -12.85 8.74 10.66
N LEU B 275 -19.36 5.99 10.23
CA LEU B 275 -20.68 5.54 9.89
C LEU B 275 -21.31 6.46 8.86
N PRO B 276 -21.48 5.98 7.58
CA PRO B 276 -22.08 6.84 6.58
C PRO B 276 -23.58 6.74 6.63
N LEU B 277 -24.12 7.49 7.56
CA LEU B 277 -25.52 7.42 7.89
C LEU B 277 -26.06 8.83 7.71
N GLY B 278 -27.36 8.93 7.47
CA GLY B 278 -27.99 10.24 7.36
C GLY B 278 -27.48 11.05 6.18
N HIS B 279 -27.29 12.34 6.41
CA HIS B 279 -26.96 13.27 5.32
C HIS B 279 -25.46 13.46 5.17
N ILE B 280 -24.95 13.00 4.02
CA ILE B 280 -23.51 12.92 3.74
C ILE B 280 -23.21 13.46 2.33
N GLY B 281 -21.93 13.58 2.01
CA GLY B 281 -21.53 14.05 0.68
C GLY B 281 -21.75 15.53 0.42
N ILE B 282 -21.96 16.34 1.46
CA ILE B 282 -22.28 17.74 1.23
C ILE B 282 -21.07 18.39 0.53
N ARG B 283 -19.90 18.04 1.05
N ARG B 283 -19.86 18.15 0.99
CA ARG B 283 -18.62 18.36 0.45
CA ARG B 283 -18.69 18.77 0.30
C ARG B 283 -17.62 17.26 0.75
C ARG B 283 -17.61 17.88 -0.36
N SER B 284 -18.06 16.01 0.74
N SER B 284 -17.00 16.94 0.30
CA SER B 284 -17.16 14.86 0.94
CA SER B 284 -16.02 16.11 -0.50
C SER B 284 -16.12 14.73 -0.18
C SER B 284 -15.00 16.70 -1.60
N VAL B 285 -14.98 14.09 0.11
N VAL B 285 -13.91 15.94 -1.74
CA VAL B 285 -13.84 14.15 -0.80
CA VAL B 285 -12.87 16.14 -2.76
C VAL B 285 -13.60 12.87 -1.62
C VAL B 285 -13.36 16.18 -4.22
N ASP B 286 -14.17 11.76 -1.16
N ASP B 286 -14.43 15.45 -4.52
CA ASP B 286 -14.14 10.51 -1.91
CA ASP B 286 -14.94 15.37 -5.89
C ASP B 286 -15.47 9.81 -1.71
C ASP B 286 -16.13 16.32 -6.12
N GLY B 287 -15.55 8.55 -2.09
N GLY B 287 -16.31 17.27 -5.21
CA GLY B 287 -16.75 7.75 -1.85
CA GLY B 287 -17.41 18.24 -5.32
C GLY B 287 -17.73 7.88 -2.99
C GLY B 287 -18.68 17.90 -4.54
N PRO B 288 -18.88 7.21 -2.90
N PRO B 288 -19.70 18.79 -4.62
CA PRO B 288 -19.82 7.28 -3.99
CA PRO B 288 -21.00 18.68 -3.94
C PRO B 288 -20.16 8.74 -4.31
C PRO B 288 -22.04 17.81 -4.68
N GLY B 289 -20.76 8.99 -5.45
N GLY B 289 -21.70 17.33 -5.86
CA GLY B 289 -21.04 10.36 -5.81
CA GLY B 289 -22.69 16.65 -6.68
C GLY B 289 -22.34 10.83 -5.21
C GLY B 289 -23.24 15.42 -5.98
N GLY B 290 -22.37 12.09 -4.76
N GLY B 290 -22.43 14.84 -5.07
CA GLY B 290 -23.62 12.79 -4.55
CA GLY B 290 -22.71 13.55 -4.42
C GLY B 290 -23.97 13.24 -3.14
C GLY B 290 -23.47 13.72 -3.11
N ASP B 291 -23.97 14.55 -2.94
N ASP B 291 -23.92 14.94 -2.88
CA ASP B 291 -24.61 15.13 -1.77
CA ASP B 291 -24.69 15.30 -1.70
C ASP B 291 -25.98 14.47 -1.69
C ASP B 291 -25.98 14.48 -1.69
N ARG B 292 -26.22 13.78 -0.59
CA ARG B 292 -27.24 12.74 -0.55
C ARG B 292 -27.58 12.22 0.86
N TRP B 293 -28.62 11.42 0.91
CA TRP B 293 -28.94 10.62 2.07
C TRP B 293 -28.18 9.33 1.92
N THR B 294 -27.78 8.70 3.02
CA THR B 294 -27.10 7.42 2.93
C THR B 294 -27.81 6.44 1.98
N ARG B 295 -26.99 5.75 1.18
CA ARG B 295 -27.51 4.77 0.22
C ARG B 295 -27.81 3.42 0.88
N PHE B 296 -27.43 3.29 2.15
CA PHE B 296 -27.76 2.06 2.88
C PHE B 296 -29.24 1.97 3.16
N THR B 297 -29.79 0.80 2.91
CA THR B 297 -31.16 0.48 3.34
C THR B 297 -31.19 0.43 4.88
N LYS B 298 -32.38 0.47 5.44
CA LYS B 298 -32.52 0.39 6.91
C LYS B 298 -31.93 -0.91 7.47
N ASP B 299 -32.17 -2.01 6.78
CA ASP B 299 -31.65 -3.31 7.23
C ASP B 299 -30.11 -3.29 7.22
N GLU B 300 -29.55 -2.69 6.18
CA GLU B 300 -28.10 -2.55 6.04
C GLU B 300 -27.53 -1.68 7.14
N GLN B 301 -28.27 -0.61 7.50
CA GLN B 301 -27.79 0.33 8.51
C GLN B 301 -27.69 -0.37 9.89
N LEU B 302 -28.68 -1.20 10.19
CA LEU B 302 -28.69 -2.01 11.42
C LEU B 302 -27.62 -3.07 11.39
N THR B 303 -27.44 -3.69 10.22
CA THR B 303 -26.39 -4.69 10.04
C THR B 303 -25.01 -4.08 10.37
N MSE B 304 -24.76 -2.89 9.87
CA MSE B 304 -23.53 -2.17 10.15
C MSE B 304 -23.37 -1.89 11.65
O MSE B 304 -22.33 -2.20 12.25
CB MSE B 304 -23.48 -0.86 9.37
CG MSE B 304 -22.29 -0.04 9.70
SE MSE B 304 -22.09 1.56 8.68
CE MSE B 304 -23.71 2.45 9.07
N MSE B 305 -24.42 -1.28 12.24
CA MSE B 305 -24.37 -0.97 13.63
C MSE B 305 -24.08 -2.23 14.45
O MSE B 305 -23.35 -2.19 15.43
CB MSE B 305 -25.68 -0.37 14.14
CG MSE B 305 -26.00 1.01 13.65
SE MSE B 305 -24.63 2.32 14.12
CE MSE B 305 -24.51 2.17 16.05
N ASN B 306 -24.69 -3.36 14.05
CA ASN B 306 -24.53 -4.61 14.82
C ASN B 306 -23.09 -5.11 14.77
N LEU B 307 -22.46 -5.08 13.59
CA LEU B 307 -21.05 -5.51 13.48
C LEU B 307 -20.16 -4.55 14.27
N TRP B 308 -20.32 -3.24 14.05
CA TRP B 308 -19.46 -2.26 14.71
C TRP B 308 -19.53 -2.39 16.24
N ALA B 309 -20.72 -2.65 16.73
CA ALA B 309 -20.97 -2.73 18.17
C ALA B 309 -20.27 -3.96 18.72
N ILE B 310 -20.45 -5.10 18.05
CA ILE B 310 -20.06 -6.38 18.64
C ILE B 310 -18.55 -6.58 18.54
N CYS B 311 -17.87 -5.85 17.67
CA CYS B 311 -16.42 -5.99 17.63
C CYS B 311 -15.65 -4.87 18.33
N HIS B 312 -16.39 -3.91 18.89
CA HIS B 312 -15.83 -2.75 19.62
C HIS B 312 -15.17 -1.76 18.68
N SER B 313 -15.72 -1.57 17.49
CA SER B 313 -15.23 -0.50 16.60
C SER B 313 -15.57 0.84 17.28
N PRO B 314 -14.70 1.86 17.15
CA PRO B 314 -15.21 3.19 17.48
C PRO B 314 -16.46 3.49 16.67
N LEU B 315 -17.33 4.32 17.24
CA LEU B 315 -18.57 4.74 16.60
C LEU B 315 -18.49 6.22 16.33
N MSE B 316 -18.17 6.55 15.07
CA MSE B 316 -18.08 7.91 14.60
C MSE B 316 -19.12 8.12 13.54
O MSE B 316 -18.98 7.64 12.40
CB MSE B 316 -16.70 8.17 14.04
CG MSE B 316 -15.63 8.15 15.15
SE MSE B 316 -15.61 9.77 16.26
CE MSE B 316 -15.23 8.73 17.75
N PHE B 317 -20.21 8.76 13.93
CA PHE B 317 -21.23 9.23 13.02
C PHE B 317 -20.69 10.16 11.94
N GLY B 318 -20.92 9.86 10.67
CA GLY B 318 -20.33 10.64 9.58
C GLY B 318 -21.25 11.67 8.90
N GLY B 319 -22.54 11.65 9.22
CA GLY B 319 -23.49 12.52 8.58
C GLY B 319 -23.63 13.85 9.30
N GLU B 320 -24.29 14.77 8.62
CA GLU B 320 -24.73 16.03 9.23
C GLU B 320 -25.92 15.76 10.18
N LEU B 321 -25.60 15.80 11.48
CA LEU B 321 -26.52 15.38 12.54
C LEU B 321 -27.83 16.17 12.56
N ARG B 322 -27.76 17.44 12.17
CA ARG B 322 -28.90 18.30 12.34
C ARG B 322 -29.96 17.93 11.34
N ASP B 323 -29.60 17.14 10.34
CA ASP B 323 -30.59 16.68 9.33
C ASP B 323 -31.11 15.28 9.60
N ASN B 324 -30.79 14.74 10.77
CA ASN B 324 -31.29 13.42 11.14
C ASN B 324 -32.82 13.38 11.13
N ASP B 325 -33.35 12.22 10.78
CA ASP B 325 -34.76 11.90 11.03
C ASP B 325 -34.94 11.05 12.29
N GLU B 326 -36.16 10.68 12.61
CA GLU B 326 -36.45 9.92 13.85
C GLU B 326 -35.69 8.60 13.76
N TRP B 327 -35.72 8.01 12.57
CA TRP B 327 -35.09 6.72 12.34
C TRP B 327 -33.60 6.79 12.71
N THR B 328 -32.87 7.74 12.13
CA THR B 328 -31.43 7.81 12.35
C THR B 328 -31.12 8.11 13.81
N LEU B 329 -31.86 9.00 14.41
CA LEU B 329 -31.66 9.29 15.82
C LEU B 329 -31.84 8.01 16.64
N SER B 330 -32.80 7.16 16.24
CA SER B 330 -33.10 5.91 16.98
C SER B 330 -31.97 4.88 16.90
N LEU B 331 -31.19 4.90 15.81
CA LEU B 331 -29.99 4.05 15.70
C LEU B 331 -28.92 4.38 16.73
N LEU B 332 -28.96 5.61 17.20
CA LEU B 332 -27.87 6.18 17.97
C LEU B 332 -28.21 6.22 19.45
N THR B 333 -29.46 5.91 19.78
CA THR B 333 -29.93 6.12 21.14
C THR B 333 -30.49 4.85 21.79
N ASN B 334 -30.00 3.69 21.35
CA ASN B 334 -30.38 2.40 21.90
C ASN B 334 -29.34 2.00 22.94
N GLU B 335 -29.70 2.15 24.21
CA GLU B 335 -28.79 1.93 25.32
C GLU B 335 -28.24 0.50 25.24
N GLY B 336 -29.02 -0.41 24.71
CA GLY B 336 -28.61 -1.83 24.67
C GLY B 336 -27.46 -2.07 23.72
N ILE B 337 -27.61 -1.50 22.54
CA ILE B 337 -26.62 -1.61 21.49
C ILE B 337 -25.34 -0.90 21.94
N LEU B 338 -25.51 0.29 22.52
CA LEU B 338 -24.35 1.08 22.91
C LEU B 338 -23.59 0.37 24.00
N SER B 339 -24.34 -0.37 24.83
CA SER B 339 -23.73 -1.09 25.94
C SER B 339 -22.90 -2.27 25.44
N ILE B 340 -23.30 -2.86 24.31
CA ILE B 340 -22.50 -3.94 23.72
C ILE B 340 -21.12 -3.35 23.29
N ASN B 341 -21.19 -2.22 22.58
CA ASN B 341 -19.99 -1.55 22.07
C ASN B 341 -19.07 -1.08 23.19
N GLN B 342 -19.68 -0.56 24.27
CA GLN B 342 -18.91 0.09 25.38
C GLN B 342 -18.48 -0.80 26.54
N LYS B 343 -19.15 -1.93 26.73
CA LYS B 343 -19.00 -2.65 27.98
C LYS B 343 -18.88 -4.18 27.85
N SER B 344 -19.25 -4.73 26.72
CA SER B 344 -19.20 -6.19 26.55
C SER B 344 -17.79 -6.69 26.44
N VAL B 345 -17.62 -7.98 26.72
CA VAL B 345 -16.30 -8.63 26.68
C VAL B 345 -16.39 -9.97 25.93
N LEU B 346 -15.26 -10.64 25.74
CA LEU B 346 -15.23 -11.96 25.07
C LEU B 346 -15.82 -11.91 23.67
N ASN B 347 -15.74 -10.72 23.06
CA ASN B 347 -16.20 -10.49 21.71
C ASN B 347 -15.53 -11.39 20.71
N ARG B 348 -16.34 -12.14 19.96
CA ARG B 348 -15.80 -13.16 19.12
C ARG B 348 -16.67 -13.57 17.95
N PHE B 349 -15.98 -14.00 16.91
CA PHE B 349 -16.57 -14.57 15.68
C PHE B 349 -17.04 -15.99 16.03
N VAL B 350 -18.31 -16.31 15.79
CA VAL B 350 -18.86 -17.63 16.16
C VAL B 350 -18.88 -18.59 14.96
N TYR B 351 -19.53 -18.20 13.86
CA TYR B 351 -19.51 -19.02 12.66
C TYR B 351 -19.71 -18.24 11.40
N ARG B 352 -19.27 -18.84 10.31
CA ARG B 352 -19.70 -18.42 8.99
C ARG B 352 -19.81 -19.59 8.02
N GLU B 353 -20.99 -19.73 7.41
CA GLU B 353 -21.24 -20.65 6.33
C GLU B 353 -22.10 -20.01 5.27
N GLU B 354 -21.61 -19.98 4.04
CA GLU B 354 -22.49 -19.65 2.92
C GLU B 354 -23.30 -18.35 3.28
N ASP B 355 -22.54 -17.30 3.60
CA ASP B 355 -23.04 -15.93 3.86
C ASP B 355 -23.92 -15.79 5.11
N LYS B 356 -24.00 -16.85 5.88
CA LYS B 356 -24.60 -16.83 7.23
C LYS B 356 -23.50 -16.69 8.28
N VAL B 357 -23.62 -15.66 9.10
CA VAL B 357 -22.58 -15.28 10.04
C VAL B 357 -23.15 -15.03 11.44
N ALA B 358 -22.40 -15.46 12.46
CA ALA B 358 -22.75 -15.17 13.85
C ALA B 358 -21.54 -14.68 14.62
N TRP B 359 -21.75 -13.69 15.47
CA TRP B 359 -20.74 -13.18 16.39
C TRP B 359 -21.39 -13.20 17.77
N ALA B 360 -20.59 -13.19 18.82
CA ALA B 360 -21.13 -13.19 20.20
C ALA B 360 -20.26 -12.37 21.15
N ALA B 361 -20.85 -12.03 22.29
CA ALA B 361 -20.14 -11.36 23.38
C ALA B 361 -20.89 -11.62 24.66
N ASN B 362 -20.27 -11.18 25.74
CA ASN B 362 -20.78 -11.35 27.08
C ASN B 362 -20.90 -10.00 27.78
N GLY B 363 -21.99 -9.85 28.52
CA GLY B 363 -22.22 -8.66 29.34
C GLY B 363 -21.67 -8.84 30.74
N ARG B 364 -21.91 -7.88 31.61
CA ARG B 364 -21.26 -7.91 32.93
C ARG B 364 -22.27 -8.26 34.00
N ASN B 365 -23.49 -8.50 33.58
CA ASN B 365 -24.58 -8.76 34.51
C ASN B 365 -25.18 -10.12 34.26
N GLY B 366 -24.35 -11.05 33.82
CA GLY B 366 -24.78 -12.44 33.62
C GLY B 366 -25.33 -12.75 32.24
N GLU B 367 -25.49 -11.71 31.43
CA GLU B 367 -26.11 -11.86 30.11
C GLU B 367 -25.10 -12.11 28.97
N ALA B 368 -25.59 -12.57 27.83
CA ALA B 368 -24.77 -12.68 26.63
C ALA B 368 -25.51 -12.08 25.45
N TYR B 369 -24.77 -11.91 24.37
CA TYR B 369 -25.22 -11.25 23.16
C TYR B 369 -24.85 -12.08 22.00
N VAL B 370 -25.79 -12.25 21.07
CA VAL B 370 -25.53 -12.92 19.81
C VAL B 370 -26.04 -12.07 18.66
N ALA B 371 -25.16 -11.86 17.70
CA ALA B 371 -25.48 -11.19 16.47
C ALA B 371 -25.48 -12.18 15.32
N LEU B 372 -26.63 -12.28 14.66
CA LEU B 372 -26.85 -13.14 13.51
C LEU B 372 -27.06 -12.32 12.25
N PHE B 373 -26.34 -12.68 11.19
CA PHE B 373 -26.33 -11.87 9.97
C PHE B 373 -26.58 -12.72 8.74
N ASN B 374 -27.48 -12.25 7.88
CA ASN B 374 -27.62 -12.77 6.52
C ASN B 374 -27.02 -11.79 5.48
N LEU B 375 -25.83 -12.14 5.01
CA LEU B 375 -25.09 -11.33 4.04
C LEU B 375 -25.46 -11.67 2.61
N HIS B 376 -26.33 -12.65 2.48
CA HIS B 376 -26.74 -13.11 1.16
C HIS B 376 -27.78 -12.19 0.53
N ASP B 377 -27.90 -12.30 -0.79
CA ASP B 377 -28.82 -11.45 -1.54
C ASP B 377 -30.22 -12.08 -1.59
N GLN B 378 -30.32 -13.24 -1.00
CA GLN B 378 -31.64 -13.87 -0.81
C GLN B 378 -31.86 -14.15 0.67
N GLN B 379 -33.13 -14.24 1.02
CA GLN B 379 -33.54 -14.67 2.34
C GLN B 379 -32.89 -15.99 2.80
N LYS B 380 -32.52 -16.03 4.06
CA LYS B 380 -31.90 -17.22 4.65
C LYS B 380 -32.39 -17.42 6.05
N THR B 381 -32.31 -18.66 6.51
CA THR B 381 -32.62 -19.03 7.89
C THR B 381 -31.36 -19.22 8.70
N LEU B 382 -31.23 -18.45 9.77
CA LEU B 382 -30.03 -18.51 10.61
C LEU B 382 -30.34 -19.33 11.84
N GLN B 383 -29.36 -20.10 12.29
CA GLN B 383 -29.50 -21.04 13.39
C GLN B 383 -28.54 -20.63 14.52
N PHE B 384 -28.98 -20.94 15.72
CA PHE B 384 -28.17 -20.72 16.90
C PHE B 384 -28.46 -21.75 18.00
N ARG B 385 -27.41 -22.21 18.70
CA ARG B 385 -27.57 -23.04 19.89
C ARG B 385 -26.74 -22.49 21.05
N LEU B 386 -27.21 -22.73 22.26
CA LEU B 386 -26.53 -22.24 23.45
C LEU B 386 -25.09 -22.79 23.54
N ASP B 387 -24.87 -23.96 22.96
CA ASP B 387 -23.50 -24.55 23.06
C ASP B 387 -22.45 -23.78 22.29
N MSE B 388 -22.89 -22.96 21.36
CA MSE B 388 -21.97 -22.12 20.57
C MSE B 388 -21.37 -21.01 21.41
O MSE B 388 -20.33 -20.48 21.05
CB MSE B 388 -22.70 -21.47 19.38
CG MSE B 388 -23.22 -22.40 18.35
SE MSE B 388 -24.29 -21.44 17.08
CE MSE B 388 -24.93 -22.85 15.99
N VAL B 389 -22.02 -20.65 22.52
CA VAL B 389 -21.64 -19.47 23.27
C VAL B 389 -21.42 -19.74 24.73
N GLY B 390 -21.37 -21.01 25.09
CA GLY B 390 -20.88 -21.39 26.37
C GLY B 390 -21.96 -21.51 27.42
N ILE B 391 -23.23 -21.59 27.01
CA ILE B 391 -24.34 -21.58 27.99
C ILE B 391 -25.00 -22.95 28.06
N MSE B 392 -25.25 -23.42 29.27
CA MSE B 392 -25.79 -24.76 29.51
C MSE B 392 -27.03 -24.70 30.40
O MSE B 392 -27.42 -25.70 31.03
CB MSE B 392 -24.73 -25.64 30.18
CG MSE B 392 -23.63 -26.08 29.25
SE MSE B 392 -22.03 -26.78 30.11
CE MSE B 392 -21.30 -25.21 30.88
N GLU B 393 -27.66 -23.55 30.41
CA GLU B 393 -28.92 -23.36 31.12
C GLU B 393 -29.94 -22.69 30.20
N THR B 394 -31.20 -22.81 30.56
CA THR B 394 -32.25 -22.11 29.82
C THR B 394 -32.14 -20.62 29.97
N VAL B 395 -32.29 -19.93 28.85
CA VAL B 395 -32.20 -18.49 28.79
C VAL B 395 -33.48 -17.92 28.23
N GLN B 396 -33.71 -16.64 28.52
CA GLN B 396 -34.71 -15.85 27.82
C GLN B 396 -34.04 -15.04 26.73
N LEU B 397 -34.63 -15.07 25.54
CA LEU B 397 -34.10 -14.33 24.43
C LEU B 397 -34.88 -13.03 24.23
N PHE B 398 -34.15 -11.95 24.08
CA PHE B 398 -34.69 -10.64 23.75
C PHE B 398 -34.08 -10.08 22.49
N ASN B 399 -34.92 -9.36 21.73
CA ASN B 399 -34.46 -8.54 20.61
C ASN B 399 -33.98 -7.18 21.12
N VAL B 400 -32.68 -6.94 20.95
CA VAL B 400 -32.02 -5.78 21.58
C VAL B 400 -32.51 -4.44 20.99
N TRP B 401 -32.75 -4.46 19.69
CA TRP B 401 -33.16 -3.26 18.95
C TRP B 401 -34.55 -2.81 19.32
N ASP B 402 -35.48 -3.74 19.47
CA ASP B 402 -36.85 -3.34 19.83
C ASP B 402 -37.23 -3.72 21.24
N ARG B 403 -36.27 -4.24 21.98
CA ARG B 403 -36.43 -4.46 23.41
C ARG B 403 -37.37 -5.62 23.71
N SER B 404 -37.96 -6.20 22.68
CA SER B 404 -39.00 -7.22 22.85
C SER B 404 -38.49 -8.60 23.22
N PHE B 405 -39.30 -9.29 24.00
CA PHE B 405 -39.09 -10.68 24.38
C PHE B 405 -39.46 -11.59 23.21
N LEU B 406 -38.57 -12.52 22.91
CA LEU B 406 -38.75 -13.43 21.79
C LEU B 406 -39.33 -14.75 22.30
N GLN B 407 -38.53 -15.44 23.10
CA GLN B 407 -38.84 -16.77 23.55
C GLN B 407 -37.80 -17.22 24.58
N SER B 408 -38.04 -18.37 25.19
CA SER B 408 -37.01 -19.00 26.01
C SER B 408 -36.27 -19.96 25.13
N LEU B 409 -35.09 -20.39 25.58
CA LEU B 409 -34.29 -21.34 24.80
C LEU B 409 -33.54 -22.22 25.75
N ALA B 410 -33.71 -23.53 25.57
CA ALA B 410 -32.99 -24.53 26.35
C ALA B 410 -31.79 -25.07 25.59
N PRO B 411 -30.84 -25.65 26.32
CA PRO B 411 -29.66 -26.22 25.73
C PRO B 411 -30.01 -27.27 24.67
N SER B 412 -31.11 -27.99 24.86
CA SER B 412 -31.47 -29.05 23.90
C SER B 412 -32.05 -28.51 22.60
N GLU B 413 -32.26 -27.19 22.53
CA GLU B 413 -32.97 -26.62 21.39
C GLU B 413 -32.09 -25.83 20.44
N SER B 414 -32.69 -25.54 19.31
CA SER B 414 -32.16 -24.62 18.34
C SER B 414 -33.09 -23.46 18.12
N PHE B 415 -32.52 -22.27 18.09
CA PHE B 415 -33.20 -21.08 17.65
C PHE B 415 -32.99 -20.93 16.16
N GLN B 416 -34.07 -20.67 15.45
CA GLN B 416 -34.07 -20.39 14.01
C GLN B 416 -34.80 -19.07 13.73
N ILE B 417 -34.25 -18.30 12.80
CA ILE B 417 -34.85 -17.03 12.38
C ILE B 417 -34.63 -16.83 10.88
N GLU B 418 -35.70 -16.54 10.14
CA GLU B 418 -35.55 -16.18 8.72
C GLU B 418 -35.23 -14.71 8.66
N LEU B 419 -34.16 -14.40 7.95
CA LEU B 419 -33.69 -13.03 7.79
C LEU B 419 -33.73 -12.60 6.32
N LYS B 420 -34.22 -11.40 6.08
CA LYS B 420 -34.27 -10.86 4.72
C LYS B 420 -32.82 -10.68 4.28
N PRO B 421 -32.59 -10.55 2.97
CA PRO B 421 -31.23 -10.26 2.57
C PRO B 421 -30.65 -9.02 3.25
N HIS B 422 -29.41 -9.16 3.69
CA HIS B 422 -28.63 -8.08 4.28
C HIS B 422 -29.15 -7.73 5.64
N GLN B 423 -30.09 -8.51 6.14
CA GLN B 423 -30.68 -8.30 7.46
C GLN B 423 -29.96 -9.13 8.53
N SER B 424 -29.95 -8.57 9.73
CA SER B 424 -29.35 -9.14 10.90
C SER B 424 -30.28 -8.96 12.11
N MSE B 425 -29.97 -9.69 13.17
CA MSE B 425 -30.67 -9.57 14.45
C MSE B 425 -29.66 -9.58 15.57
O MSE B 425 -28.69 -10.33 15.55
CB MSE B 425 -31.63 -10.74 14.68
CG MSE B 425 -32.56 -10.53 15.93
SE MSE B 425 -33.79 -12.04 16.01
CE MSE B 425 -35.37 -11.09 15.36
N MSE B 426 -29.91 -8.72 16.54
CA MSE B 426 -29.13 -8.71 17.77
C MSE B 426 -30.00 -9.21 18.92
O MSE B 426 -31.03 -8.61 19.26
CB MSE B 426 -28.61 -7.30 18.07
CG MSE B 426 -27.68 -7.25 19.28
SE MSE B 426 -25.92 -8.02 19.01
CE MSE B 426 -25.06 -6.45 18.29
N LEU B 427 -29.51 -10.29 19.53
CA LEU B 427 -30.13 -10.95 20.67
C LEU B 427 -29.38 -10.76 21.97
N LYS B 428 -30.16 -10.55 23.03
CA LYS B 428 -29.68 -10.67 24.40
C LYS B 428 -30.16 -11.97 24.98
N LEU B 429 -29.24 -12.68 25.59
CA LEU B 429 -29.50 -13.98 26.19
C LEU B 429 -29.41 -13.76 27.66
N SER B 430 -30.56 -13.92 28.30
CA SER B 430 -30.69 -13.61 29.69
C SER B 430 -31.11 -14.85 30.48
N PRO B 431 -30.37 -15.17 31.55
CA PRO B 431 -30.59 -16.30 32.45
C PRO B 431 -31.89 -16.21 33.22
N ASP B 432 -32.23 -17.35 33.83
CA ASP B 432 -33.52 -17.53 34.55
C ASP B 432 -33.46 -17.39 36.09
S SO4 C . 2.78 -2.25 -11.72
O1 SO4 C . 1.40 -2.24 -11.23
O2 SO4 C . 3.56 -1.10 -11.23
O3 SO4 C . 2.67 -2.11 -13.18
O4 SO4 C . 3.46 -3.50 -11.39
S SO4 D . -4.51 11.75 -31.55
O1 SO4 D . -3.99 10.59 -32.28
O2 SO4 D . -5.82 11.53 -30.96
O3 SO4 D . -4.64 12.87 -32.46
O4 SO4 D . -3.58 12.17 -30.49
S SO4 E . -0.39 -0.87 -2.13
O1 SO4 E . 0.66 -1.86 -1.79
O2 SO4 E . -0.75 -1.09 -3.54
O3 SO4 E . 0.04 0.52 -1.94
O4 SO4 E . -1.56 -1.11 -1.29
S SO4 F . -0.47 -16.51 7.88
O1 SO4 F . -1.82 -15.98 7.58
O2 SO4 F . -0.55 -17.84 8.49
O3 SO4 F . 0.13 -15.57 8.82
O4 SO4 F . 0.31 -16.64 6.65
N1 IMD G . 8.21 0.34 -7.15
C2 IMD G . 8.05 0.80 -8.41
N3 IMD G . 9.27 1.14 -8.90
C4 IMD G . 10.19 0.91 -7.93
C5 IMD G . 9.52 0.39 -6.84
C1 PGE H . 30.01 0.53 3.22
O1 PGE H . 30.47 1.78 2.69
C2 PGE H . 30.49 -0.63 2.33
O2 PGE H . 29.62 -1.77 2.43
C3 PGE H . 29.19 -2.08 3.75
C4 PGE H . 27.69 -1.87 3.81
O4 PGE H . 26.51 0.79 7.32
C6 PGE H . 26.41 -0.60 6.97
C5 PGE H . 26.48 -0.76 5.47
O3 PGE H . 27.20 -1.94 5.15
O22 P33 I . 28.23 -25.02 -18.86
C21 P33 I . 28.15 -24.45 -17.56
C20 P33 I . 29.28 -24.94 -16.69
O19 P33 I . 28.83 -26.05 -15.93
C18 P33 I . 29.83 -26.61 -15.08
C17 P33 I . 31.12 -26.77 -15.86
O16 P33 I . 31.11 -27.94 -16.69
C15 P33 I . 32.29 -28.66 -16.49
C14 P33 I . 32.48 -29.62 -17.62
O13 P33 I . 31.34 -29.64 -18.42
C12 P33 I . 31.65 -29.62 -19.79
C11 P33 I . 30.61 -30.39 -20.55
O10 P33 I . 30.15 -29.50 -21.54
C9 P33 I . 28.77 -29.76 -21.84
C8 P33 I . 28.25 -28.55 -22.59
O7 P33 I . 28.14 -27.42 -21.71
C6 P33 I . 28.65 -26.20 -22.25
C5 P33 I . 29.73 -25.70 -21.31
O4 P33 I . 30.69 -24.93 -22.03
C3 P33 I . 31.83 -24.60 -21.24
C2 P33 I . 31.52 -24.51 -19.75
O1 P33 I . 31.69 -23.13 -19.34
C1 GOL J . 30.99 -18.12 -5.63
O1 GOL J . 29.90 -17.24 -5.70
C2 GOL J . 30.41 -19.45 -6.09
O2 GOL J . 29.20 -19.10 -6.68
C3 GOL J . 30.12 -20.34 -4.88
O3 GOL J . 29.59 -21.57 -5.32
C1 GOL K . 10.07 12.64 -2.17
O1 GOL K . 9.10 13.48 -2.79
C2 GOL K . 10.39 11.34 -2.98
O2 GOL K . 10.16 11.52 -4.37
C3 GOL K . 11.81 10.78 -2.80
O3 GOL K . 12.94 11.65 -2.99
C1 PEG L . 14.68 -2.86 -30.65
O1 PEG L . 15.65 -2.69 -29.59
C2 PEG L . 13.29 -2.34 -30.25
O2 PEG L . 12.90 -1.22 -31.06
C3 PEG L . 11.58 -0.70 -30.83
C4 PEG L . 11.19 0.23 -31.97
O4 PEG L . 11.51 1.60 -31.68
C1 PEG M . 13.96 -35.41 3.29
O1 PEG M . 14.78 -35.71 4.42
C2 PEG M . 12.54 -35.79 3.65
O2 PEG M . 11.88 -36.29 2.48
C3 PEG M . 10.47 -36.33 2.74
C4 PEG M . 10.14 -35.11 3.60
O4 PEG M . 9.59 -34.08 2.79
C1 PEG N . 20.99 17.46 -4.31
O1 PEG N . 21.18 16.02 -4.29
C2 PEG N . 20.06 17.96 -3.18
O2 PEG N . 19.52 19.26 -3.43
C3 PEG N . 20.44 20.35 -3.23
C4 PEG N . 20.30 21.40 -4.34
O4 PEG N . 20.26 22.71 -3.79
S SO4 O . 15.54 15.87 20.36
O1 SO4 O . 14.51 16.67 19.71
O2 SO4 O . 15.29 14.45 20.24
O3 SO4 O . 15.51 16.23 21.78
O4 SO4 O . 16.80 16.18 19.77
S SO4 P . 9.44 5.70 10.21
O1 SO4 P . 9.73 4.49 11.01
O2 SO4 P . 8.35 6.26 10.98
O3 SO4 P . 9.10 5.26 8.82
O4 SO4 P . 10.61 6.58 10.13
C1 PGE Q . -1.13 13.37 30.33
O1 PGE Q . -1.27 14.53 31.17
C2 PGE Q . -0.85 13.78 28.87
O2 PGE Q . -1.71 13.12 27.93
C3 PGE Q . -1.60 11.69 28.02
C4 PGE Q . -2.76 10.96 27.38
O4 PGE Q . -7.21 10.29 28.64
C6 PGE Q . -5.92 9.85 29.09
C5 PGE Q . -4.91 9.95 27.95
O3 PGE Q . -3.80 10.77 28.36
C1 PGE R . -22.91 19.09 31.44
O1 PGE R . -22.89 17.82 30.74
C2 PGE R . -22.38 20.24 30.56
O2 PGE R . -23.40 21.23 30.31
C3 PGE R . -23.58 21.51 28.91
C4 PGE R . -24.94 22.15 28.62
O4 PGE R . -27.73 19.55 27.27
C6 PGE R . -26.39 20.09 27.25
C5 PGE R . -26.40 21.55 26.79
O3 PGE R . -25.19 22.21 27.20
C1 PGE S . -30.54 22.79 13.80
O1 PGE S . -30.64 23.38 12.49
C2 PGE S . -31.79 21.97 14.14
O2 PGE S . -31.47 20.58 14.36
C3 PGE S . -32.62 19.73 14.23
C4 PGE S . -33.02 19.08 15.56
O4 PGE S . -29.81 20.87 18.39
C6 PGE S . -30.75 21.04 17.33
C5 PGE S . -31.77 19.91 17.48
O3 PGE S . -32.95 20.02 16.65
C1 PGE T . 17.20 26.69 -1.96
O1 PGE T . 18.21 26.61 -0.95
C2 PGE T . 15.87 26.90 -1.26
O2 PGE T . 15.14 28.04 -1.69
C3 PGE T . 14.80 28.89 -0.59
C4 PGE T . 13.30 29.19 -0.52
O4 PGE T . 15.11 30.04 3.69
C6 PGE T . 14.02 30.44 2.86
C5 PGE T . 14.08 29.56 1.63
O3 PGE T . 12.99 29.78 0.74
O1 PG4 U . -28.50 -4.66 29.26
C1 PG4 U . -27.95 -5.67 30.13
C2 PG4 U . -28.85 -5.95 31.32
O2 PG4 U . -29.25 -7.33 31.34
C3 PG4 U . -30.63 -7.49 31.72
C4 PG4 U . -31.25 -8.79 31.20
O3 PG4 U . -32.68 -8.71 30.95
C5 PG4 U . -33.24 -7.45 30.58
C6 PG4 U . -34.19 -7.57 29.39
O4 PG4 U . -33.58 -6.93 28.26
C7 PG4 U . -34.45 -6.39 27.27
C8 PG4 U . -33.68 -5.30 26.52
O5 PG4 U . -33.04 -5.81 25.34
C1 GOL V . -5.42 2.97 17.51
O1 GOL V . -4.21 3.37 18.15
C2 GOL V . -6.73 3.42 18.13
O2 GOL V . -6.94 2.70 19.31
C3 GOL V . -7.90 3.24 17.13
O3 GOL V . -8.10 1.90 16.70
C1 GOL W . -4.46 30.50 23.44
O1 GOL W . -5.60 31.14 22.92
C2 GOL W . -3.62 29.94 22.29
O2 GOL W . -4.46 29.03 21.63
C3 GOL W . -2.31 29.31 22.82
O3 GOL W . -1.51 28.69 21.82
C1 GOL X . 16.23 12.45 3.04
O1 GOL X . 15.70 13.20 4.11
C2 GOL X . 16.99 11.32 3.69
O2 GOL X . 17.47 11.67 4.98
C3 GOL X . 18.09 10.96 2.74
O3 GOL X . 17.43 10.11 1.85
C1 PEG Y . -16.27 -16.99 32.88
O1 PEG Y . -16.86 -18.25 32.47
C2 PEG Y . -16.55 -15.84 31.90
O2 PEG Y . -17.90 -15.36 31.96
C3 PEG Y . -18.09 -14.02 31.45
C4 PEG Y . -17.29 -12.97 32.25
O4 PEG Y . -17.82 -11.65 32.05
C1 PEG Z . -28.39 -22.78 3.22
O1 PEG Z . -27.53 -21.69 2.88
C2 PEG Z . -29.83 -22.29 3.21
O2 PEG Z . -30.30 -22.25 4.56
C3 PEG Z . -31.31 -21.27 4.75
C4 PEG Z . -32.34 -21.35 3.64
O4 PEG Z . -33.54 -20.66 4.04
C1 PEG AA . -18.93 27.12 3.65
O1 PEG AA . -18.01 26.30 2.90
C2 PEG AA . -20.38 26.61 3.56
O2 PEG AA . -21.06 26.80 4.80
C3 PEG AA . -22.34 27.47 4.66
C4 PEG AA . -23.28 27.13 5.81
O4 PEG AA . -23.84 28.29 6.47
#